data_8C36
#
_entry.id   8C36
#
_cell.length_a   63.405
_cell.length_b   70.664
_cell.length_c   203.687
_cell.angle_alpha   90.00
_cell.angle_beta   90.00
_cell.angle_gamma   90.00
#
_symmetry.space_group_name_H-M   'P 21 21 21'
#
loop_
_entity.id
_entity.type
_entity.pdbx_description
1 polymer 'Probable transcriptional regulator'
2 non-polymer COBALAMIN
3 water water
#
_entity_poly.entity_id   1
_entity_poly.type   'polypeptide(L)'
_entity_poly.pdbx_seq_one_letter_code
;VRPEDLGTGLLEALLRGDLAGAEALFRRGLRFWGPEGVLEHLLLPVLREVGEAWARGEIGVAEEHLASTFLRARLQELLD
LAGFPPGPPVLVTTPPGERHEIGAMLAAYHLRRKGVPALYLGPDTPLPDLRALARRLGAGAVVLSAVLSEPLRALPDGAL
KDLAPRVFLGGQGAGPEEARRLGAEYMEDLKGLAEALWLPRGPEKEAIGHHHHHH
;
_entity_poly.pdbx_strand_id   A,B,C,D
#
loop_
_chem_comp.id
_chem_comp.type
_chem_comp.name
_chem_comp.formula
B12 non-polymer COBALAMIN 'C62 H89 Co N13 O14 P 2'
#
# COMPACT_ATOMS: atom_id res chain seq x y z
N ASP A 5 -9.64 5.21 19.56
CA ASP A 5 -10.56 6.18 18.91
C ASP A 5 -10.81 5.87 17.44
N LEU A 6 -9.83 5.33 16.71
CA LEU A 6 -9.98 5.13 15.27
C LEU A 6 -11.03 4.06 15.01
N GLY A 7 -11.12 3.05 15.89
CA GLY A 7 -12.04 1.95 15.70
C GLY A 7 -13.50 2.41 15.77
N THR A 8 -13.81 3.19 16.80
CA THR A 8 -15.14 3.75 16.99
C THR A 8 -15.45 4.70 15.83
N GLY A 9 -14.50 5.59 15.52
CA GLY A 9 -14.66 6.52 14.42
C GLY A 9 -14.94 5.79 13.10
N LEU A 10 -14.20 4.71 12.85
CA LEU A 10 -14.32 3.97 11.60
C LEU A 10 -15.68 3.30 11.50
N LEU A 11 -16.08 2.63 12.58
CA LEU A 11 -17.38 1.97 12.63
C LEU A 11 -18.51 2.99 12.44
N GLU A 12 -18.43 4.13 13.14
CA GLU A 12 -19.43 5.17 13.00
C GLU A 12 -19.51 5.68 11.56
N ALA A 13 -18.34 5.89 10.92
CA ALA A 13 -18.34 6.40 9.55
C ALA A 13 -19.03 5.40 8.63
N LEU A 14 -18.74 4.11 8.82
CA LEU A 14 -19.31 3.07 7.99
C LEU A 14 -20.84 3.01 8.18
N LEU A 15 -21.28 3.04 9.44
CA LEU A 15 -22.69 2.92 9.76
C LEU A 15 -23.49 4.12 9.24
N ARG A 16 -22.83 5.24 8.94
CA ARG A 16 -23.55 6.36 8.33
C ARG A 16 -23.22 6.46 6.84
N GLY A 17 -22.56 5.46 6.27
CA GLY A 17 -22.31 5.46 4.83
C GLY A 17 -21.28 6.50 4.38
N ASP A 18 -20.41 6.94 5.30
CA ASP A 18 -19.35 7.88 4.98
C ASP A 18 -18.09 7.11 4.60
N LEU A 19 -18.03 6.67 3.34
CA LEU A 19 -16.93 5.88 2.83
C LEU A 19 -15.62 6.69 2.81
N ALA A 20 -15.68 7.96 2.42
CA ALA A 20 -14.47 8.79 2.35
C ALA A 20 -13.83 8.92 3.73
N GLY A 21 -14.67 9.26 4.73
CA GLY A 21 -14.24 9.33 6.11
C GLY A 21 -13.64 8.00 6.58
N ALA A 22 -14.31 6.90 6.23
CA ALA A 22 -13.88 5.58 6.64
C ALA A 22 -12.51 5.27 6.02
N GLU A 23 -12.35 5.63 4.75
CA GLU A 23 -11.08 5.43 4.06
C GLU A 23 -9.97 6.25 4.74
N ALA A 24 -10.24 7.51 5.06
CA ALA A 24 -9.22 8.34 5.70
C ALA A 24 -8.79 7.75 7.05
N LEU A 25 -9.78 7.24 7.83
CA LEU A 25 -9.49 6.71 9.15
C LEU A 25 -8.71 5.41 9.03
N PHE A 26 -9.04 4.58 8.04
CA PHE A 26 -8.31 3.35 7.83
C PHE A 26 -6.85 3.68 7.46
N ARG A 27 -6.64 4.65 6.55
CA ARG A 27 -5.29 5.02 6.15
C ARG A 27 -4.48 5.53 7.34
N ARG A 28 -5.13 6.30 8.24
CA ARG A 28 -4.47 6.75 9.45
C ARG A 28 -3.98 5.56 10.27
N GLY A 29 -4.85 4.56 10.43
CA GLY A 29 -4.50 3.37 11.18
C GLY A 29 -3.32 2.64 10.57
N LEU A 30 -3.33 2.55 9.24
CA LEU A 30 -2.26 1.91 8.49
C LEU A 30 -0.93 2.60 8.76
N ARG A 31 -0.93 3.94 8.77
CA ARG A 31 0.32 4.68 8.93
C ARG A 31 0.83 4.56 10.36
N PHE A 32 -0.08 4.45 11.33
CA PHE A 32 0.26 4.45 12.74
C PHE A 32 0.67 3.03 13.20
N TRP A 33 -0.15 2.00 12.89
CA TRP A 33 0.08 0.66 13.38
CA TRP A 33 0.08 0.66 13.39
C TRP A 33 0.90 -0.18 12.42
N GLY A 34 1.00 0.25 11.14
CA GLY A 34 1.65 -0.57 10.13
C GLY A 34 0.65 -1.55 9.52
N PRO A 35 1.03 -2.32 8.48
CA PRO A 35 0.09 -3.20 7.78
C PRO A 35 -0.54 -4.29 8.64
N GLU A 36 0.30 -5.08 9.29
CA GLU A 36 -0.20 -6.16 10.16
C GLU A 36 -0.95 -5.54 11.32
N GLY A 37 -0.41 -4.47 11.89
CA GLY A 37 -0.97 -3.80 13.04
C GLY A 37 -2.37 -3.24 12.78
N VAL A 38 -2.61 -2.65 11.61
CA VAL A 38 -3.91 -2.07 11.35
C VAL A 38 -4.95 -3.18 11.27
N LEU A 39 -4.54 -4.35 10.80
CA LEU A 39 -5.46 -5.46 10.71
C LEU A 39 -5.83 -5.95 12.12
N GLU A 40 -4.83 -6.05 12.99
CA GLU A 40 -5.01 -6.54 14.35
C GLU A 40 -5.71 -5.51 15.23
N HIS A 41 -5.37 -4.21 15.07
CA HIS A 41 -5.83 -3.21 16.01
C HIS A 41 -7.03 -2.41 15.49
N LEU A 42 -7.38 -2.54 14.21
CA LEU A 42 -8.47 -1.75 13.66
C LEU A 42 -9.47 -2.63 12.89
N LEU A 43 -9.01 -3.33 11.85
CA LEU A 43 -9.93 -4.11 11.04
C LEU A 43 -10.62 -5.19 11.88
N LEU A 44 -9.86 -5.96 12.65
CA LEU A 44 -10.41 -7.10 13.37
C LEU A 44 -11.36 -6.63 14.47
N PRO A 45 -10.99 -5.67 15.34
CA PRO A 45 -11.91 -5.20 16.37
C PRO A 45 -13.22 -4.61 15.84
N VAL A 46 -13.16 -3.89 14.71
CA VAL A 46 -14.35 -3.32 14.12
C VAL A 46 -15.27 -4.44 13.65
N LEU A 47 -14.73 -5.46 12.99
CA LEU A 47 -15.55 -6.57 12.52
C LEU A 47 -16.16 -7.30 13.72
N ARG A 48 -15.38 -7.56 14.76
CA ARG A 48 -15.91 -8.22 15.99
C ARG A 48 -17.11 -7.41 16.54
N GLU A 49 -16.98 -6.10 16.60
CA GLU A 49 -18.01 -5.27 17.21
C GLU A 49 -19.28 -5.24 16.34
N VAL A 50 -19.08 -5.22 15.02
CA VAL A 50 -20.20 -5.32 14.09
C VAL A 50 -20.98 -6.61 14.34
N GLY A 51 -20.26 -7.72 14.48
CA GLY A 51 -20.86 -9.02 14.73
C GLY A 51 -21.64 -9.05 16.03
N GLU A 52 -21.10 -8.41 17.08
CA GLU A 52 -21.74 -8.37 18.38
C GLU A 52 -22.99 -7.51 18.33
N ALA A 53 -22.90 -6.37 17.64
CA ALA A 53 -24.05 -5.48 17.48
C ALA A 53 -25.17 -6.21 16.73
N TRP A 54 -24.80 -6.97 15.69
CA TRP A 54 -25.75 -7.76 14.95
C TRP A 54 -26.40 -8.79 15.87
N ALA A 55 -25.55 -9.54 16.60
CA ALA A 55 -26.02 -10.62 17.46
C ALA A 55 -26.95 -10.08 18.56
N ARG A 56 -26.71 -8.88 19.04
CA ARG A 56 -27.54 -8.17 20.06
C ARG A 56 -28.84 -7.61 19.43
N GLY A 57 -28.93 -7.58 18.10
CA GLY A 57 -30.12 -7.06 17.44
C GLY A 57 -30.09 -5.55 17.24
N GLU A 58 -28.94 -4.90 17.45
CA GLU A 58 -28.82 -3.45 17.33
C GLU A 58 -28.75 -3.01 15.87
N ILE A 59 -28.14 -3.82 15.01
CA ILE A 59 -28.05 -3.50 13.58
C ILE A 59 -28.59 -4.69 12.81
N GLY A 60 -28.92 -4.41 11.54
CA GLY A 60 -29.34 -5.45 10.61
C GLY A 60 -28.14 -5.96 9.80
N VAL A 61 -28.43 -6.88 8.87
CA VAL A 61 -27.43 -7.51 8.05
C VAL A 61 -26.82 -6.50 7.05
N ALA A 62 -27.64 -5.53 6.61
CA ALA A 62 -27.19 -4.54 5.65
C ALA A 62 -26.01 -3.73 6.22
N GLU A 63 -26.10 -3.32 7.49
CA GLU A 63 -25.01 -2.61 8.12
C GLU A 63 -23.75 -3.46 8.21
N GLU A 64 -23.96 -4.72 8.59
CA GLU A 64 -22.87 -5.68 8.73
CA GLU A 64 -22.87 -5.68 8.73
C GLU A 64 -22.18 -5.83 7.37
N HIS A 65 -22.98 -6.02 6.31
CA HIS A 65 -22.49 -6.25 4.97
C HIS A 65 -21.63 -5.07 4.52
N LEU A 66 -22.14 -3.87 4.78
CA LEU A 66 -21.49 -2.63 4.38
C LEU A 66 -20.08 -2.59 4.97
N ALA A 67 -19.99 -2.80 6.28
CA ALA A 67 -18.69 -2.74 6.97
C ALA A 67 -17.74 -3.83 6.48
N SER A 68 -18.22 -5.09 6.34
CA SER A 68 -17.38 -6.18 5.92
C SER A 68 -16.86 -6.00 4.50
N THR A 69 -17.81 -5.53 3.56
CA THR A 69 -17.43 -5.31 2.17
C THR A 69 -16.33 -4.24 2.08
N PHE A 70 -16.48 -3.15 2.85
CA PHE A 70 -15.47 -2.11 2.93
C PHE A 70 -14.13 -2.69 3.40
N LEU A 71 -14.13 -3.43 4.51
CA LEU A 71 -12.90 -3.90 5.13
C LEU A 71 -12.21 -4.96 4.27
N ARG A 72 -13.02 -5.78 3.59
CA ARG A 72 -12.51 -6.75 2.65
C ARG A 72 -11.77 -6.06 1.49
N ALA A 73 -12.34 -4.96 0.97
CA ALA A 73 -11.72 -4.20 -0.08
C ALA A 73 -10.36 -3.68 0.36
N ARG A 74 -10.31 -3.13 1.57
CA ARG A 74 -9.04 -2.58 2.14
C ARG A 74 -7.97 -3.71 2.25
N LEU A 75 -8.39 -4.87 2.73
CA LEU A 75 -7.45 -5.97 2.92
C LEU A 75 -6.97 -6.48 1.56
N GLN A 76 -7.88 -6.50 0.57
CA GLN A 76 -7.52 -6.96 -0.75
C GLN A 76 -6.45 -6.05 -1.37
N GLU A 77 -6.58 -4.74 -1.16
CA GLU A 77 -5.57 -3.78 -1.61
C GLU A 77 -4.21 -4.13 -1.01
N LEU A 78 -4.17 -4.37 0.31
CA LEU A 78 -2.93 -4.68 0.98
C LEU A 78 -2.34 -5.99 0.42
N LEU A 79 -3.22 -6.97 0.16
CA LEU A 79 -2.82 -8.26 -0.37
C LEU A 79 -2.09 -8.07 -1.70
N ASP A 80 -2.69 -7.26 -2.57
CA ASP A 80 -2.13 -7.00 -3.89
C ASP A 80 -0.83 -6.20 -3.81
N LEU A 81 -0.63 -5.39 -2.75
CA LEU A 81 0.59 -4.62 -2.60
C LEU A 81 1.74 -5.47 -2.05
N ALA A 82 1.44 -6.62 -1.44
CA ALA A 82 2.49 -7.49 -0.94
C ALA A 82 3.23 -8.14 -2.10
N GLY A 83 4.45 -8.59 -1.89
CA GLY A 83 5.09 -9.41 -2.91
C GLY A 83 4.29 -10.66 -3.35
N PHE A 84 4.46 -11.10 -4.61
CA PHE A 84 3.98 -12.40 -5.06
C PHE A 84 5.16 -13.10 -5.73
N PRO A 85 5.95 -13.88 -4.97
CA PRO A 85 7.12 -14.54 -5.53
C PRO A 85 6.75 -15.71 -6.46
N PRO A 86 7.68 -16.09 -7.37
CA PRO A 86 7.49 -17.30 -8.18
C PRO A 86 7.65 -18.57 -7.34
N GLY A 87 7.31 -19.72 -7.93
CA GLY A 87 7.46 -21.00 -7.26
C GLY A 87 6.13 -21.60 -6.80
N PRO A 88 6.16 -22.83 -6.24
CA PRO A 88 4.92 -23.57 -5.95
C PRO A 88 3.99 -22.77 -5.05
N PRO A 89 2.72 -22.53 -5.48
CA PRO A 89 1.81 -21.72 -4.67
C PRO A 89 1.30 -22.45 -3.43
N VAL A 90 0.82 -21.65 -2.49
CA VAL A 90 0.03 -22.15 -1.38
C VAL A 90 -1.40 -21.71 -1.61
N LEU A 91 -2.34 -22.66 -1.72
CA LEU A 91 -3.74 -22.31 -1.97
C LEU A 91 -4.40 -21.97 -0.65
N VAL A 92 -5.13 -20.85 -0.62
CA VAL A 92 -5.77 -20.40 0.61
C VAL A 92 -7.26 -20.21 0.34
N THR A 93 -8.09 -20.79 1.22
CA THR A 93 -9.54 -20.73 1.08
C THR A 93 -10.19 -21.07 2.42
N THR A 94 -11.48 -21.37 2.36
CA THR A 94 -12.24 -21.80 3.53
C THR A 94 -12.93 -23.12 3.18
N PRO A 95 -13.37 -23.91 4.19
CA PRO A 95 -14.08 -25.16 3.94
C PRO A 95 -15.41 -24.94 3.22
N PRO A 96 -15.93 -26.00 2.55
CA PRO A 96 -17.25 -25.92 1.92
C PRO A 96 -18.27 -25.49 2.97
N GLY A 97 -19.11 -24.51 2.62
CA GLY A 97 -20.12 -24.00 3.53
C GLY A 97 -19.65 -22.84 4.40
N GLU A 98 -18.36 -22.48 4.32
CA GLU A 98 -17.83 -21.37 5.09
C GLU A 98 -17.70 -20.15 4.20
N ARG A 99 -18.52 -19.13 4.45
CA ARG A 99 -18.55 -17.94 3.60
C ARG A 99 -17.91 -16.72 4.28
N HIS A 100 -17.44 -16.85 5.53
CA HIS A 100 -16.60 -15.81 6.12
C HIS A 100 -15.19 -15.95 5.54
N GLU A 101 -14.71 -14.94 4.80
CA GLU A 101 -13.50 -15.09 3.99
C GLU A 101 -12.32 -14.25 4.50
N ILE A 102 -12.52 -13.36 5.47
CA ILE A 102 -11.50 -12.38 5.78
C ILE A 102 -10.33 -13.06 6.53
N GLY A 103 -10.62 -14.06 7.34
CA GLY A 103 -9.59 -14.87 7.98
C GLY A 103 -8.65 -15.52 6.97
N ALA A 104 -9.22 -16.08 5.90
CA ALA A 104 -8.43 -16.67 4.84
C ALA A 104 -7.58 -15.61 4.13
N MET A 105 -8.18 -14.45 3.85
CA MET A 105 -7.45 -13.35 3.23
C MET A 105 -6.28 -12.92 4.11
N LEU A 106 -6.49 -12.88 5.43
CA LEU A 106 -5.45 -12.54 6.37
C LEU A 106 -4.31 -13.56 6.31
N ALA A 107 -4.65 -14.84 6.22
CA ALA A 107 -3.64 -15.88 6.14
C ALA A 107 -2.80 -15.69 4.88
N ALA A 108 -3.46 -15.43 3.76
CA ALA A 108 -2.77 -15.23 2.49
C ALA A 108 -1.84 -14.01 2.61
N TYR A 109 -2.32 -12.97 3.31
CA TYR A 109 -1.57 -11.74 3.44
C TYR A 109 -0.28 -11.97 4.22
N HIS A 110 -0.40 -12.59 5.41
CA HIS A 110 0.74 -12.86 6.27
C HIS A 110 1.76 -13.74 5.54
N LEU A 111 1.30 -14.70 4.74
CA LEU A 111 2.21 -15.53 3.97
C LEU A 111 2.95 -14.71 2.92
N ARG A 112 2.22 -13.86 2.18
CA ARG A 112 2.84 -13.08 1.12
C ARG A 112 3.86 -12.10 1.70
N ARG A 113 3.54 -11.53 2.88
CA ARG A 113 4.42 -10.59 3.55
C ARG A 113 5.73 -11.27 3.92
N LYS A 114 5.74 -12.60 4.03
CA LYS A 114 6.94 -13.35 4.38
C LYS A 114 7.50 -14.06 3.16
N GLY A 115 7.08 -13.68 1.96
CA GLY A 115 7.69 -14.17 0.73
C GLY A 115 7.15 -15.53 0.26
N VAL A 116 5.97 -15.92 0.75
CA VAL A 116 5.35 -17.18 0.33
C VAL A 116 4.27 -16.87 -0.71
N PRO A 117 4.26 -17.55 -1.87
CA PRO A 117 3.27 -17.26 -2.90
C PRO A 117 1.90 -17.87 -2.58
N ALA A 118 1.16 -17.20 -1.69
CA ALA A 118 -0.17 -17.59 -1.30
C ALA A 118 -1.16 -17.13 -2.36
N LEU A 119 -1.83 -18.09 -3.01
CA LEU A 119 -2.93 -17.82 -3.92
C LEU A 119 -4.26 -17.88 -3.16
N TYR A 120 -4.85 -16.71 -2.90
CA TYR A 120 -6.18 -16.63 -2.29
C TYR A 120 -7.24 -16.93 -3.34
N LEU A 121 -8.06 -17.98 -3.11
CA LEU A 121 -9.02 -18.43 -4.11
C LEU A 121 -10.37 -17.73 -3.95
N GLY A 122 -10.62 -17.12 -2.81
CA GLY A 122 -11.98 -16.86 -2.38
C GLY A 122 -12.41 -17.95 -1.40
N PRO A 123 -13.60 -17.80 -0.76
CA PRO A 123 -14.06 -18.78 0.22
C PRO A 123 -14.79 -19.95 -0.43
N ASP A 124 -15.03 -21.01 0.37
CA ASP A 124 -16.09 -21.96 0.11
C ASP A 124 -15.76 -22.79 -1.13
N THR A 125 -14.67 -23.55 -1.06
CA THR A 125 -14.21 -24.33 -2.19
C THR A 125 -14.48 -25.80 -1.90
N PRO A 126 -15.25 -26.50 -2.76
CA PRO A 126 -15.44 -27.95 -2.60
C PRO A 126 -14.08 -28.64 -2.64
N LEU A 127 -13.93 -29.67 -1.82
CA LEU A 127 -12.64 -30.30 -1.61
C LEU A 127 -12.10 -30.97 -2.87
N PRO A 128 -12.91 -31.69 -3.70
CA PRO A 128 -12.37 -32.27 -4.94
C PRO A 128 -11.82 -31.19 -5.88
N ASP A 129 -12.51 -30.06 -6.00
CA ASP A 129 -12.06 -28.96 -6.85
C ASP A 129 -10.75 -28.37 -6.31
N LEU A 130 -10.66 -28.23 -4.98
CA LEU A 130 -9.47 -27.69 -4.34
C LEU A 130 -8.29 -28.62 -4.59
N ARG A 131 -8.52 -29.92 -4.40
CA ARG A 131 -7.51 -30.94 -4.59
C ARG A 131 -7.01 -30.90 -6.03
N ALA A 132 -7.92 -30.77 -6.99
CA ALA A 132 -7.56 -30.79 -8.41
C ALA A 132 -6.67 -29.60 -8.75
N LEU A 133 -7.01 -28.40 -8.23
CA LEU A 133 -6.21 -27.22 -8.52
C LEU A 133 -4.83 -27.36 -7.88
N ALA A 134 -4.77 -27.85 -6.64
CA ALA A 134 -3.50 -28.06 -5.96
C ALA A 134 -2.61 -28.99 -6.79
N ARG A 135 -3.15 -30.13 -7.23
CA ARG A 135 -2.35 -31.13 -8.02
C ARG A 135 -1.90 -30.48 -9.33
N ARG A 136 -2.78 -29.73 -9.97
CA ARG A 136 -2.49 -29.12 -11.29
C ARG A 136 -1.48 -27.97 -11.16
N LEU A 137 -1.47 -27.29 -10.01
CA LEU A 137 -0.56 -26.12 -9.86
C LEU A 137 0.68 -26.58 -9.09
N GLY A 138 0.69 -27.82 -8.62
CA GLY A 138 1.88 -28.35 -7.91
C GLY A 138 2.00 -27.69 -6.57
N ALA A 139 0.87 -27.29 -6.03
CA ALA A 139 0.87 -26.52 -4.79
C ALA A 139 1.61 -27.27 -3.69
N GLY A 140 2.43 -26.54 -2.93
CA GLY A 140 3.15 -27.10 -1.79
C GLY A 140 2.25 -27.27 -0.57
N ALA A 141 1.22 -26.43 -0.46
CA ALA A 141 0.36 -26.48 0.70
C ALA A 141 -1.02 -25.89 0.39
N VAL A 142 -1.96 -26.26 1.26
CA VAL A 142 -3.29 -25.69 1.29
C VAL A 142 -3.50 -25.19 2.72
N VAL A 143 -4.12 -24.01 2.82
CA VAL A 143 -4.43 -23.41 4.11
C VAL A 143 -5.93 -23.09 4.15
N LEU A 144 -6.59 -23.49 5.24
CA LEU A 144 -8.01 -23.26 5.39
C LEU A 144 -8.28 -22.44 6.64
N SER A 145 -9.17 -21.43 6.49
CA SER A 145 -9.69 -20.66 7.61
C SER A 145 -11.12 -21.11 7.90
N ALA A 146 -11.37 -21.48 9.16
CA ALA A 146 -12.69 -21.86 9.62
C ALA A 146 -13.13 -20.87 10.68
N VAL A 147 -14.23 -20.15 10.39
CA VAL A 147 -14.77 -19.20 11.34
C VAL A 147 -15.87 -19.90 12.15
N LEU A 148 -16.79 -20.56 11.44
CA LEU A 148 -17.81 -21.40 12.06
C LEU A 148 -17.22 -22.78 12.30
N SER A 149 -17.75 -23.49 13.31
CA SER A 149 -17.33 -24.86 13.55
C SER A 149 -18.16 -25.84 12.71
N GLU A 150 -19.38 -25.44 12.32
CA GLU A 150 -20.32 -26.34 11.66
C GLU A 150 -19.76 -26.87 10.34
N PRO A 151 -19.16 -26.06 9.45
CA PRO A 151 -18.64 -26.61 8.20
C PRO A 151 -17.60 -27.71 8.40
N LEU A 152 -16.80 -27.63 9.49
CA LEU A 152 -15.82 -28.66 9.78
C LEU A 152 -16.51 -29.94 10.29
N ARG A 153 -17.47 -29.75 11.21
CA ARG A 153 -18.26 -30.87 11.82
C ARG A 153 -19.02 -31.65 10.75
N ALA A 154 -19.31 -31.02 9.60
CA ALA A 154 -20.00 -31.67 8.50
C ALA A 154 -19.08 -32.56 7.68
N LEU A 155 -17.76 -32.39 7.81
CA LEU A 155 -16.80 -33.11 6.97
C LEU A 155 -16.50 -34.47 7.61
N PRO A 156 -16.30 -35.51 6.78
CA PRO A 156 -15.93 -36.84 7.28
C PRO A 156 -14.50 -36.90 7.80
N ASP A 157 -14.25 -37.86 8.70
CA ASP A 157 -12.91 -38.08 9.22
C ASP A 157 -11.92 -38.14 8.06
N GLY A 158 -10.79 -37.42 8.19
CA GLY A 158 -9.68 -37.48 7.24
C GLY A 158 -9.93 -36.75 5.94
N ALA A 159 -11.00 -35.92 5.89
CA ALA A 159 -11.41 -35.29 4.65
C ALA A 159 -10.36 -34.32 4.12
N LEU A 160 -9.59 -33.70 5.03
CA LEU A 160 -8.61 -32.65 4.61
C LEU A 160 -7.24 -33.28 4.38
N LYS A 161 -7.12 -34.58 4.68
CA LYS A 161 -5.86 -35.31 4.35
C LYS A 161 -5.51 -35.23 2.87
N ASP A 162 -4.25 -34.90 2.57
CA ASP A 162 -3.74 -34.89 1.17
C ASP A 162 -4.43 -33.94 0.20
N LEU A 163 -5.05 -32.87 0.70
CA LEU A 163 -5.50 -31.87 -0.30
C LEU A 163 -4.19 -31.46 -0.97
N ALA A 164 -3.09 -31.43 -0.21
CA ALA A 164 -1.73 -31.09 -0.73
C ALA A 164 -0.64 -31.67 0.21
N PRO A 165 0.67 -31.61 -0.12
CA PRO A 165 1.68 -32.19 0.78
C PRO A 165 1.63 -31.67 2.22
N ARG A 166 1.20 -30.41 2.39
CA ARG A 166 0.93 -29.85 3.72
C ARG A 166 -0.45 -29.23 3.71
N VAL A 167 -1.23 -29.48 4.77
CA VAL A 167 -2.56 -28.92 4.90
C VAL A 167 -2.67 -28.32 6.30
N PHE A 168 -3.02 -27.03 6.34
CA PHE A 168 -3.08 -26.28 7.58
C PHE A 168 -4.52 -25.83 7.79
N LEU A 169 -4.94 -25.85 9.05
CA LEU A 169 -6.27 -25.41 9.40
C LEU A 169 -6.18 -24.53 10.63
N GLY A 170 -6.90 -23.40 10.61
CA GLY A 170 -6.96 -22.51 11.75
C GLY A 170 -8.22 -21.66 11.70
N GLY A 171 -8.36 -20.75 12.66
CA GLY A 171 -9.52 -19.87 12.78
C GLY A 171 -10.34 -20.20 14.01
N GLN A 172 -11.33 -19.35 14.29
CA GLN A 172 -12.19 -19.42 15.47
C GLN A 172 -12.97 -20.72 15.50
N GLY A 173 -13.36 -21.24 14.33
CA GLY A 173 -14.16 -22.45 14.25
C GLY A 173 -13.31 -23.72 14.41
N ALA A 174 -11.99 -23.58 14.45
CA ALA A 174 -11.10 -24.73 14.43
C ALA A 174 -10.43 -24.91 15.78
N GLY A 175 -10.18 -26.17 16.14
CA GLY A 175 -9.39 -26.52 17.30
C GLY A 175 -8.48 -27.68 16.95
N PRO A 176 -7.50 -28.02 17.80
CA PRO A 176 -6.56 -29.10 17.49
C PRO A 176 -7.21 -30.48 17.31
N GLU A 177 -8.29 -30.76 18.05
CA GLU A 177 -8.95 -32.05 17.97
C GLU A 177 -9.62 -32.21 16.61
N GLU A 178 -10.30 -31.15 16.15
CA GLU A 178 -11.01 -31.17 14.87
C GLU A 178 -10.00 -31.27 13.72
N ALA A 179 -8.89 -30.54 13.82
CA ALA A 179 -7.82 -30.64 12.84
C ALA A 179 -7.32 -32.08 12.74
N ARG A 180 -7.05 -32.69 13.89
CA ARG A 180 -6.57 -34.07 13.94
C ARG A 180 -7.59 -35.00 13.30
N ARG A 181 -8.87 -34.84 13.65
CA ARG A 181 -9.92 -35.69 13.09
C ARG A 181 -9.92 -35.59 11.56
N LEU A 182 -9.67 -34.38 11.03
CA LEU A 182 -9.79 -34.14 9.60
C LEU A 182 -8.48 -34.41 8.86
N GLY A 183 -7.37 -34.57 9.60
CA GLY A 183 -6.08 -34.87 9.01
C GLY A 183 -5.33 -33.62 8.54
N ALA A 184 -5.55 -32.49 9.22
CA ALA A 184 -4.85 -31.26 8.93
C ALA A 184 -3.94 -30.92 10.10
N GLU A 185 -2.91 -30.11 9.85
CA GLU A 185 -2.10 -29.53 10.90
C GLU A 185 -2.81 -28.29 11.43
N TYR A 186 -2.98 -28.23 12.75
CA TYR A 186 -3.63 -27.10 13.38
C TYR A 186 -2.64 -25.96 13.58
N MET A 187 -3.05 -24.74 13.24
CA MET A 187 -2.23 -23.57 13.51
C MET A 187 -3.07 -22.56 14.27
N GLU A 188 -2.52 -22.10 15.41
CA GLU A 188 -3.18 -21.13 16.27
C GLU A 188 -2.87 -19.70 15.81
N ASP A 189 -1.63 -19.45 15.41
CA ASP A 189 -1.17 -18.12 15.04
C ASP A 189 -0.85 -18.04 13.55
N LEU A 190 -1.31 -16.95 12.93
CA LEU A 190 -0.97 -16.59 11.56
C LEU A 190 0.54 -16.48 11.37
N LYS A 191 1.26 -16.02 12.40
CA LYS A 191 2.70 -15.82 12.30
C LYS A 191 3.44 -17.16 12.32
N GLY A 192 2.82 -18.20 12.88
CA GLY A 192 3.42 -19.53 12.89
C GLY A 192 3.28 -20.26 11.55
N LEU A 193 2.42 -19.74 10.67
CA LEU A 193 2.14 -20.37 9.39
C LEU A 193 3.36 -20.27 8.48
N ALA A 194 3.94 -19.06 8.41
CA ALA A 194 5.12 -18.81 7.61
C ALA A 194 6.28 -19.65 8.12
N GLU A 195 6.44 -19.72 9.45
CA GLU A 195 7.47 -20.56 10.06
C GLU A 195 7.35 -22.00 9.58
N ALA A 196 6.12 -22.55 9.66
CA ALA A 196 5.90 -23.94 9.31
C ALA A 196 6.35 -24.21 7.87
N LEU A 197 6.14 -23.23 6.96
CA LEU A 197 6.52 -23.40 5.55
C LEU A 197 8.03 -23.30 5.38
N ASP B 5 -8.39 -10.38 -27.25
CA ASP B 5 -7.19 -11.25 -27.39
C ASP B 5 -6.45 -11.39 -26.06
N LEU B 6 -6.39 -10.29 -25.28
CA LEU B 6 -5.82 -10.30 -23.95
C LEU B 6 -6.58 -11.26 -23.04
N GLY B 7 -7.86 -11.50 -23.37
CA GLY B 7 -8.75 -12.35 -22.60
C GLY B 7 -8.21 -13.76 -22.43
N THR B 8 -7.79 -14.38 -23.54
CA THR B 8 -7.21 -15.71 -23.52
C THR B 8 -5.95 -15.74 -22.65
N GLY B 9 -5.04 -14.79 -22.92
CA GLY B 9 -3.80 -14.71 -22.16
C GLY B 9 -4.05 -14.52 -20.68
N LEU B 10 -5.04 -13.68 -20.34
CA LEU B 10 -5.34 -13.38 -18.94
C LEU B 10 -5.88 -14.64 -18.25
N LEU B 11 -6.84 -15.31 -18.89
CA LEU B 11 -7.43 -16.53 -18.34
C LEU B 11 -6.35 -17.59 -18.16
N GLU B 12 -5.48 -17.77 -19.18
CA GLU B 12 -4.40 -18.74 -19.07
C GLU B 12 -3.48 -18.43 -17.89
N ALA B 13 -3.14 -17.15 -17.70
CA ALA B 13 -2.25 -16.77 -16.61
C ALA B 13 -2.89 -17.11 -15.26
N LEU B 14 -4.19 -16.79 -15.13
CA LEU B 14 -4.92 -17.05 -13.91
C LEU B 14 -4.94 -18.55 -13.62
N LEU B 15 -5.27 -19.36 -14.64
CA LEU B 15 -5.45 -20.79 -14.46
C LEU B 15 -4.13 -21.47 -14.11
N ARG B 16 -2.98 -20.83 -14.37
CA ARG B 16 -1.71 -21.39 -13.93
C ARG B 16 -1.17 -20.64 -12.70
N GLY B 17 -2.00 -19.80 -12.08
CA GLY B 17 -1.62 -19.15 -10.83
C GLY B 17 -0.55 -18.07 -11.00
N ASP B 18 -0.46 -17.53 -12.21
CA ASP B 18 0.49 -16.44 -12.49
C ASP B 18 -0.23 -15.10 -12.30
N LEU B 19 -0.36 -14.67 -11.03
CA LEU B 19 -1.03 -13.44 -10.68
C LEU B 19 -0.34 -12.23 -11.31
N ALA B 20 0.99 -12.18 -11.27
CA ALA B 20 1.74 -11.05 -11.78
C ALA B 20 1.46 -10.88 -13.26
N GLY B 21 1.58 -11.98 -14.02
CA GLY B 21 1.27 -11.99 -15.44
C GLY B 21 -0.17 -11.55 -15.71
N ALA B 22 -1.11 -12.04 -14.90
CA ALA B 22 -2.52 -11.71 -15.07
C ALA B 22 -2.72 -10.21 -14.86
N GLU B 23 -2.07 -9.68 -13.80
CA GLU B 23 -2.16 -8.27 -13.50
C GLU B 23 -1.54 -7.46 -14.63
N ALA B 24 -0.40 -7.86 -15.18
CA ALA B 24 0.26 -7.14 -16.27
C ALA B 24 -0.68 -7.08 -17.48
N LEU B 25 -1.35 -8.19 -17.80
CA LEU B 25 -2.20 -8.23 -18.96
C LEU B 25 -3.44 -7.36 -18.73
N PHE B 26 -4.00 -7.38 -17.53
CA PHE B 26 -5.13 -6.53 -17.23
C PHE B 26 -4.74 -5.04 -17.33
N ARG B 27 -3.57 -4.68 -16.78
CA ARG B 27 -3.07 -3.31 -16.85
C ARG B 27 -2.85 -2.89 -18.29
N ARG B 28 -2.36 -3.82 -19.10
CA ARG B 28 -2.16 -3.52 -20.54
C ARG B 28 -3.51 -3.14 -21.15
N GLY B 29 -4.55 -3.94 -20.86
CA GLY B 29 -5.87 -3.68 -21.37
C GLY B 29 -6.38 -2.29 -20.96
N LEU B 30 -6.15 -1.96 -19.70
CA LEU B 30 -6.55 -0.69 -19.13
C LEU B 30 -5.87 0.46 -19.87
N ARG B 31 -4.57 0.32 -20.16
CA ARG B 31 -3.79 1.38 -20.78
C ARG B 31 -4.24 1.57 -22.23
N PHE B 32 -4.62 0.47 -22.90
CA PHE B 32 -5.00 0.51 -24.31
C PHE B 32 -6.46 0.95 -24.46
N TRP B 33 -7.39 0.26 -23.81
CA TRP B 33 -8.82 0.37 -24.09
C TRP B 33 -9.50 1.29 -23.10
N GLY B 34 -8.88 1.54 -21.95
CA GLY B 34 -9.47 2.36 -20.91
C GLY B 34 -10.38 1.54 -19.99
N PRO B 35 -10.88 2.17 -18.90
CA PRO B 35 -11.71 1.49 -17.91
C PRO B 35 -12.99 0.87 -18.47
N GLU B 36 -13.80 1.64 -19.23
CA GLU B 36 -15.05 1.10 -19.73
C GLU B 36 -14.77 -0.03 -20.73
N GLY B 37 -13.77 0.20 -21.59
CA GLY B 37 -13.40 -0.76 -22.61
C GLY B 37 -12.95 -2.11 -22.03
N VAL B 38 -12.11 -2.05 -20.99
CA VAL B 38 -11.55 -3.26 -20.44
C VAL B 38 -12.68 -4.05 -19.76
N LEU B 39 -13.68 -3.37 -19.21
CA LEU B 39 -14.79 -4.06 -18.56
C LEU B 39 -15.58 -4.85 -19.59
N GLU B 40 -15.89 -4.18 -20.72
CA GLU B 40 -16.72 -4.73 -21.75
C GLU B 40 -15.97 -5.80 -22.54
N HIS B 41 -14.68 -5.57 -22.83
CA HIS B 41 -13.98 -6.39 -23.79
C HIS B 41 -13.06 -7.41 -23.11
N LEU B 42 -12.85 -7.30 -21.79
CA LEU B 42 -11.93 -8.22 -21.12
C LEU B 42 -12.55 -8.83 -19.87
N LEU B 43 -12.97 -8.00 -18.90
CA LEU B 43 -13.48 -8.53 -17.65
C LEU B 43 -14.73 -9.39 -17.89
N LEU B 44 -15.70 -8.84 -18.64
CA LEU B 44 -16.98 -9.54 -18.80
C LEU B 44 -16.78 -10.83 -19.62
N PRO B 45 -16.11 -10.81 -20.78
CA PRO B 45 -15.90 -12.03 -21.55
C PRO B 45 -15.16 -13.13 -20.80
N VAL B 46 -14.15 -12.77 -20.00
CA VAL B 46 -13.40 -13.76 -19.25
C VAL B 46 -14.30 -14.42 -18.21
N LEU B 47 -15.12 -13.64 -17.51
CA LEU B 47 -16.03 -14.22 -16.54
C LEU B 47 -17.04 -15.14 -17.22
N ARG B 48 -17.58 -14.73 -18.37
CA ARG B 48 -18.56 -15.56 -19.05
C ARG B 48 -17.93 -16.88 -19.45
N GLU B 49 -16.68 -16.83 -19.92
CA GLU B 49 -15.99 -18.02 -20.42
C GLU B 49 -15.66 -18.96 -19.26
N VAL B 50 -15.28 -18.40 -18.12
CA VAL B 50 -15.01 -19.20 -16.94
C VAL B 50 -16.27 -19.97 -16.53
N GLY B 51 -17.42 -19.28 -16.54
CA GLY B 51 -18.70 -19.90 -16.22
C GLY B 51 -19.04 -21.07 -17.15
N GLU B 52 -18.78 -20.85 -18.45
CA GLU B 52 -19.08 -21.84 -19.47
C GLU B 52 -18.13 -23.02 -19.33
N ALA B 53 -16.84 -22.75 -19.07
CA ALA B 53 -15.86 -23.80 -18.88
C ALA B 53 -16.22 -24.64 -17.65
N TRP B 54 -16.68 -23.99 -16.59
CA TRP B 54 -17.15 -24.70 -15.41
C TRP B 54 -18.33 -25.61 -15.78
N ALA B 55 -19.34 -25.01 -16.45
CA ALA B 55 -20.56 -25.72 -16.80
C ALA B 55 -20.25 -26.92 -17.71
N ARG B 56 -19.21 -26.81 -18.55
CA ARG B 56 -18.82 -27.89 -19.45
C ARG B 56 -17.86 -28.87 -18.78
N GLY B 57 -17.51 -28.63 -17.51
CA GLY B 57 -16.72 -29.58 -16.75
C GLY B 57 -15.21 -29.47 -17.00
N GLU B 58 -14.78 -28.39 -17.66
CA GLU B 58 -13.39 -28.21 -18.05
C GLU B 58 -12.55 -27.70 -16.89
N ILE B 59 -13.14 -26.89 -16.01
CA ILE B 59 -12.47 -26.42 -14.82
C ILE B 59 -13.38 -26.72 -13.63
N GLY B 60 -12.78 -26.68 -12.43
CA GLY B 60 -13.51 -26.84 -11.18
C GLY B 60 -13.86 -25.47 -10.59
N VAL B 61 -14.49 -25.48 -9.41
CA VAL B 61 -14.94 -24.23 -8.81
C VAL B 61 -13.75 -23.42 -8.26
N ALA B 62 -12.65 -24.09 -7.92
CA ALA B 62 -11.46 -23.40 -7.44
C ALA B 62 -10.90 -22.47 -8.51
N GLU B 63 -10.83 -22.94 -9.77
CA GLU B 63 -10.36 -22.09 -10.85
C GLU B 63 -11.30 -20.92 -11.08
N GLU B 64 -12.60 -21.20 -11.01
CA GLU B 64 -13.64 -20.19 -11.21
CA GLU B 64 -13.63 -20.19 -11.21
C GLU B 64 -13.48 -19.12 -10.13
N HIS B 65 -13.34 -19.56 -8.87
CA HIS B 65 -13.22 -18.68 -7.72
C HIS B 65 -12.01 -17.75 -7.89
N LEU B 66 -10.90 -18.34 -8.32
CA LEU B 66 -9.64 -17.63 -8.49
C LEU B 66 -9.84 -16.48 -9.47
N ALA B 67 -10.43 -16.77 -10.62
CA ALA B 67 -10.62 -15.78 -11.66
C ALA B 67 -11.59 -14.68 -11.19
N SER B 68 -12.67 -15.07 -10.52
CA SER B 68 -13.67 -14.11 -10.05
C SER B 68 -13.10 -13.22 -8.94
N THR B 69 -12.35 -13.80 -8.01
CA THR B 69 -11.71 -13.04 -6.94
C THR B 69 -10.73 -12.00 -7.53
N PHE B 70 -9.93 -12.43 -8.51
CA PHE B 70 -9.01 -11.54 -9.20
C PHE B 70 -9.77 -10.39 -9.86
N LEU B 71 -10.82 -10.70 -10.63
CA LEU B 71 -11.52 -9.68 -11.40
C LEU B 71 -12.34 -8.76 -10.50
N ARG B 72 -12.86 -9.28 -9.39
CA ARG B 72 -13.50 -8.48 -8.36
C ARG B 72 -12.53 -7.43 -7.80
N ALA B 73 -11.29 -7.84 -7.52
CA ALA B 73 -10.29 -6.92 -7.03
C ALA B 73 -10.04 -5.79 -8.03
N ARG B 74 -9.94 -6.12 -9.32
CA ARG B 74 -9.72 -5.13 -10.35
C ARG B 74 -10.90 -4.15 -10.42
N LEU B 75 -12.12 -4.68 -10.33
CA LEU B 75 -13.31 -3.83 -10.38
C LEU B 75 -13.40 -2.97 -9.13
N GLN B 76 -12.98 -3.49 -7.98
CA GLN B 76 -12.94 -2.69 -6.77
C GLN B 76 -12.01 -1.48 -6.92
N GLU B 77 -10.86 -1.66 -7.56
CA GLU B 77 -9.98 -0.55 -7.86
C GLU B 77 -10.73 0.51 -8.68
N LEU B 78 -11.41 0.07 -9.74
CA LEU B 78 -12.11 1.00 -10.61
C LEU B 78 -13.20 1.72 -9.84
N LEU B 79 -13.88 0.99 -8.96
CA LEU B 79 -14.96 1.54 -8.14
C LEU B 79 -14.44 2.68 -7.28
N ASP B 80 -13.27 2.46 -6.67
CA ASP B 80 -12.65 3.48 -5.83
C ASP B 80 -12.15 4.66 -6.65
N LEU B 81 -11.66 4.42 -7.86
CA LEU B 81 -11.24 5.52 -8.76
C LEU B 81 -12.44 6.39 -9.12
N ALA B 82 -13.61 5.76 -9.30
CA ALA B 82 -14.82 6.50 -9.75
C ALA B 82 -15.23 7.48 -8.67
N GLY B 83 -14.83 7.20 -7.47
CA GLY B 83 -15.10 8.16 -6.41
C GLY B 83 -16.41 7.93 -5.69
N PHE B 84 -16.61 8.66 -4.60
CA PHE B 84 -17.84 8.60 -3.81
C PHE B 84 -18.26 10.04 -3.52
N PRO B 85 -19.01 10.64 -4.45
CA PRO B 85 -19.45 12.03 -4.31
C PRO B 85 -20.46 12.30 -3.18
N PRO B 86 -20.55 13.51 -2.60
CA PRO B 86 -21.57 13.82 -1.58
C PRO B 86 -22.99 13.70 -2.14
N GLY B 87 -23.96 13.68 -1.23
CA GLY B 87 -25.35 13.60 -1.60
C GLY B 87 -25.97 12.28 -1.18
N PRO B 88 -27.31 12.16 -1.26
CA PRO B 88 -28.03 10.97 -0.83
C PRO B 88 -27.51 9.72 -1.53
N PRO B 89 -27.13 8.67 -0.79
CA PRO B 89 -26.53 7.48 -1.43
C PRO B 89 -27.54 6.65 -2.21
N VAL B 90 -27.05 5.86 -3.15
CA VAL B 90 -27.82 4.83 -3.79
C VAL B 90 -27.25 3.50 -3.31
N LEU B 91 -28.09 2.68 -2.66
CA LEU B 91 -27.61 1.41 -2.14
C LEU B 91 -27.65 0.39 -3.27
N VAL B 92 -26.56 -0.37 -3.41
CA VAL B 92 -26.45 -1.37 -4.47
C VAL B 92 -26.14 -2.71 -3.83
N THR B 93 -26.91 -3.74 -4.24
CA THR B 93 -26.77 -5.08 -3.73
C THR B 93 -27.43 -6.07 -4.69
N THR B 94 -27.66 -7.29 -4.20
CA THR B 94 -28.36 -8.32 -4.93
C THR B 94 -29.52 -8.82 -4.07
N PRO B 95 -30.53 -9.50 -4.66
CA PRO B 95 -31.64 -10.06 -3.88
C PRO B 95 -31.18 -11.15 -2.92
N PRO B 96 -31.98 -11.42 -1.87
CA PRO B 96 -31.72 -12.52 -0.96
C PRO B 96 -31.54 -13.82 -1.76
N GLY B 97 -30.47 -14.56 -1.48
CA GLY B 97 -30.18 -15.80 -2.17
C GLY B 97 -29.30 -15.62 -3.42
N GLU B 98 -29.01 -14.37 -3.81
CA GLU B 98 -28.15 -14.13 -4.95
C GLU B 98 -26.73 -13.79 -4.48
N ARG B 99 -25.77 -14.67 -4.76
CA ARG B 99 -24.39 -14.48 -4.31
C ARG B 99 -23.43 -14.06 -5.43
N HIS B 100 -23.90 -13.95 -6.68
CA HIS B 100 -23.11 -13.37 -7.76
C HIS B 100 -23.11 -11.85 -7.59
N GLU B 101 -21.94 -11.25 -7.37
CA GLU B 101 -21.87 -9.86 -6.93
C GLU B 101 -21.26 -8.90 -7.98
N ILE B 102 -20.67 -9.41 -9.05
CA ILE B 102 -19.92 -8.54 -9.94
C ILE B 102 -20.86 -7.62 -10.74
N GLY B 103 -22.06 -8.12 -11.09
CA GLY B 103 -23.06 -7.29 -11.75
C GLY B 103 -23.43 -6.07 -10.91
N ALA B 104 -23.63 -6.30 -9.60
CA ALA B 104 -23.93 -5.22 -8.69
C ALA B 104 -22.76 -4.23 -8.60
N MET B 105 -21.55 -4.74 -8.51
CA MET B 105 -20.37 -3.88 -8.48
C MET B 105 -20.26 -3.04 -9.75
N LEU B 106 -20.59 -3.64 -10.91
CA LEU B 106 -20.60 -2.91 -12.17
C LEU B 106 -21.60 -1.78 -12.14
N ALA B 107 -22.80 -2.05 -11.59
CA ALA B 107 -23.83 -1.03 -11.51
C ALA B 107 -23.35 0.13 -10.63
N ALA B 108 -22.72 -0.20 -9.49
CA ALA B 108 -22.19 0.83 -8.61
C ALA B 108 -21.14 1.67 -9.35
N TYR B 109 -20.30 1.00 -10.16
CA TYR B 109 -19.23 1.68 -10.89
C TYR B 109 -19.83 2.69 -11.88
N HIS B 110 -20.78 2.24 -12.71
CA HIS B 110 -21.40 3.11 -13.71
C HIS B 110 -22.09 4.30 -13.07
N LEU B 111 -22.71 4.08 -11.90
CA LEU B 111 -23.32 5.19 -11.20
C LEU B 111 -22.27 6.20 -10.74
N ARG B 112 -21.17 5.70 -10.13
CA ARG B 112 -20.15 6.59 -9.61
C ARG B 112 -19.49 7.36 -10.75
N ARG B 113 -19.30 6.72 -11.90
CA ARG B 113 -18.72 7.36 -13.07
C ARG B 113 -19.54 8.57 -13.51
N LYS B 114 -20.84 8.58 -13.17
CA LYS B 114 -21.71 9.68 -13.55
C LYS B 114 -22.01 10.56 -12.34
N GLY B 115 -21.22 10.44 -11.27
CA GLY B 115 -21.32 11.35 -10.14
C GLY B 115 -22.40 10.96 -9.13
N VAL B 116 -22.88 9.71 -9.17
CA VAL B 116 -23.89 9.26 -8.21
C VAL B 116 -23.21 8.47 -7.09
N PRO B 117 -23.48 8.79 -5.80
CA PRO B 117 -22.85 8.08 -4.69
C PRO B 117 -23.48 6.72 -4.46
N ALA B 118 -23.02 5.74 -5.25
CA ALA B 118 -23.45 4.37 -5.13
C ALA B 118 -22.66 3.66 -4.02
N LEU B 119 -23.36 3.27 -2.95
CA LEU B 119 -22.82 2.50 -1.83
C LEU B 119 -23.03 1.02 -2.14
N TYR B 120 -21.94 0.31 -2.46
CA TYR B 120 -22.04 -1.11 -2.72
C TYR B 120 -22.00 -1.85 -1.38
N LEU B 121 -23.04 -2.64 -1.06
CA LEU B 121 -23.17 -3.26 0.24
C LEU B 121 -22.51 -4.64 0.31
N GLY B 122 -22.15 -5.21 -0.85
CA GLY B 122 -22.01 -6.65 -0.96
C GLY B 122 -23.32 -7.28 -1.42
N PRO B 123 -23.33 -8.59 -1.70
CA PRO B 123 -24.51 -9.29 -2.19
C PRO B 123 -25.44 -9.74 -1.07
N ASP B 124 -26.67 -10.14 -1.45
CA ASP B 124 -27.50 -11.03 -0.65
C ASP B 124 -27.97 -10.33 0.62
N THR B 125 -28.75 -9.26 0.46
CA THR B 125 -29.20 -8.46 1.58
C THR B 125 -30.69 -8.73 1.77
N PRO B 126 -31.13 -9.16 2.98
CA PRO B 126 -32.56 -9.29 3.27
C PRO B 126 -33.29 -7.97 3.01
N LEU B 127 -34.50 -8.06 2.44
CA LEU B 127 -35.18 -6.87 1.98
C LEU B 127 -35.54 -5.92 3.12
N PRO B 128 -36.06 -6.39 4.29
CA PRO B 128 -36.42 -5.44 5.34
C PRO B 128 -35.18 -4.73 5.87
N ASP B 129 -34.04 -5.43 5.98
CA ASP B 129 -32.80 -4.80 6.41
C ASP B 129 -32.36 -3.74 5.40
N LEU B 130 -32.49 -4.03 4.10
CA LEU B 130 -32.12 -3.11 3.05
C LEU B 130 -33.00 -1.86 3.13
N ARG B 131 -34.31 -2.06 3.30
CA ARG B 131 -35.26 -0.98 3.40
C ARG B 131 -34.93 -0.08 4.60
N ALA B 132 -34.60 -0.71 5.73
CA ALA B 132 -34.30 0.05 6.95
C ALA B 132 -33.06 0.91 6.75
N LEU B 133 -32.02 0.37 6.11
CA LEU B 133 -30.80 1.13 5.89
C LEU B 133 -31.07 2.29 4.93
N ALA B 134 -31.84 2.04 3.86
CA ALA B 134 -32.21 3.08 2.91
C ALA B 134 -32.90 4.24 3.62
N ARG B 135 -33.85 3.91 4.49
CA ARG B 135 -34.60 4.91 5.31
C ARG B 135 -33.61 5.66 6.20
N ARG B 136 -32.75 4.92 6.87
CA ARG B 136 -31.91 5.57 7.87
C ARG B 136 -30.88 6.49 7.21
N LEU B 137 -30.39 6.13 6.02
CA LEU B 137 -29.38 6.93 5.34
C LEU B 137 -30.02 7.98 4.42
N GLY B 138 -31.35 7.96 4.27
CA GLY B 138 -32.00 8.82 3.30
C GLY B 138 -31.52 8.54 1.89
N ALA B 139 -31.37 7.24 1.57
CA ALA B 139 -31.00 6.84 0.21
C ALA B 139 -32.03 7.30 -0.81
N GLY B 140 -31.55 7.81 -1.96
CA GLY B 140 -32.42 8.21 -3.06
C GLY B 140 -32.90 7.00 -3.86
N ALA B 141 -32.14 5.90 -3.83
CA ALA B 141 -32.52 4.74 -4.60
C ALA B 141 -31.85 3.48 -4.07
N VAL B 142 -32.40 2.35 -4.52
CA VAL B 142 -31.81 1.04 -4.40
C VAL B 142 -31.68 0.47 -5.81
N VAL B 143 -30.56 -0.22 -6.04
CA VAL B 143 -30.31 -0.90 -7.29
C VAL B 143 -29.98 -2.36 -6.98
N LEU B 144 -30.65 -3.29 -7.68
CA LEU B 144 -30.42 -4.70 -7.48
C LEU B 144 -29.95 -5.35 -8.77
N SER B 145 -28.94 -6.22 -8.65
CA SER B 145 -28.47 -7.08 -9.72
C SER B 145 -28.93 -8.51 -9.47
N ALA B 146 -29.65 -9.07 -10.45
CA ALA B 146 -30.13 -10.44 -10.39
C ALA B 146 -29.46 -11.22 -11.51
N VAL B 147 -28.63 -12.20 -11.14
CA VAL B 147 -27.96 -13.05 -12.12
C VAL B 147 -28.81 -14.29 -12.33
N LEU B 148 -29.20 -14.95 -11.23
CA LEU B 148 -30.14 -16.07 -11.23
C LEU B 148 -31.57 -15.53 -11.25
N SER B 149 -32.50 -16.29 -11.81
CA SER B 149 -33.91 -15.89 -11.81
C SER B 149 -34.61 -16.39 -10.54
N GLU B 150 -34.11 -17.44 -9.91
CA GLU B 150 -34.80 -18.09 -8.80
C GLU B 150 -34.97 -17.14 -7.61
N PRO B 151 -33.96 -16.34 -7.20
CA PRO B 151 -34.16 -15.42 -6.08
C PRO B 151 -35.32 -14.44 -6.30
N LEU B 152 -35.60 -14.06 -7.54
CA LEU B 152 -36.71 -13.14 -7.85
C LEU B 152 -38.04 -13.88 -7.76
N ARG B 153 -38.07 -15.12 -8.28
CA ARG B 153 -39.28 -15.91 -8.27
C ARG B 153 -39.74 -16.19 -6.84
N ALA B 154 -38.78 -16.25 -5.90
CA ALA B 154 -39.09 -16.53 -4.51
C ALA B 154 -39.77 -15.33 -3.82
N LEU B 155 -39.68 -14.14 -4.42
CA LEU B 155 -40.17 -12.93 -3.78
C LEU B 155 -41.65 -12.73 -4.08
N PRO B 156 -42.41 -12.21 -3.10
CA PRO B 156 -43.82 -11.90 -3.31
C PRO B 156 -44.05 -10.70 -4.23
N ASP B 157 -45.23 -10.66 -4.84
CA ASP B 157 -45.62 -9.54 -5.67
C ASP B 157 -45.37 -8.24 -4.91
N GLY B 158 -44.73 -7.27 -5.59
CA GLY B 158 -44.54 -5.92 -5.08
C GLY B 158 -43.45 -5.81 -4.00
N ALA B 159 -42.64 -6.86 -3.83
CA ALA B 159 -41.66 -6.90 -2.73
C ALA B 159 -40.61 -5.80 -2.86
N LEU B 160 -40.30 -5.37 -4.09
CA LEU B 160 -39.21 -4.41 -4.28
C LEU B 160 -39.74 -2.97 -4.28
N LYS B 161 -41.07 -2.78 -4.22
CA LYS B 161 -41.71 -1.55 -4.64
C LYS B 161 -41.18 -0.34 -3.86
N ASP B 162 -40.99 -0.49 -2.55
CA ASP B 162 -40.87 0.64 -1.64
C ASP B 162 -39.59 0.53 -0.81
N LEU B 163 -38.58 -0.11 -1.37
CA LEU B 163 -37.32 -0.26 -0.67
C LEU B 163 -36.70 1.11 -0.51
N ALA B 164 -36.97 2.01 -1.47
CA ALA B 164 -36.44 3.36 -1.49
C ALA B 164 -37.28 4.17 -2.49
N PRO B 165 -37.11 5.50 -2.61
CA PRO B 165 -37.93 6.30 -3.52
C PRO B 165 -37.87 5.84 -4.98
N ARG B 166 -36.72 5.30 -5.40
CA ARG B 166 -36.57 4.66 -6.69
C ARG B 166 -35.93 3.29 -6.48
N VAL B 167 -36.45 2.26 -7.15
CA VAL B 167 -35.87 0.94 -7.10
C VAL B 167 -35.67 0.43 -8.52
N PHE B 168 -34.43 0.06 -8.83
CA PHE B 168 -34.04 -0.43 -10.14
C PHE B 168 -33.64 -1.89 -10.05
N LEU B 169 -34.03 -2.67 -11.05
CA LEU B 169 -33.64 -4.06 -11.11
C LEU B 169 -33.11 -4.36 -12.50
N GLY B 170 -31.99 -5.07 -12.59
CA GLY B 170 -31.52 -5.61 -13.84
C GLY B 170 -30.62 -6.80 -13.64
N GLY B 171 -30.00 -7.27 -14.73
CA GLY B 171 -29.18 -8.46 -14.71
C GLY B 171 -29.83 -9.58 -15.54
N GLN B 172 -29.07 -10.65 -15.74
CA GLN B 172 -29.44 -11.78 -16.58
C GLN B 172 -30.67 -12.48 -16.02
N GLY B 173 -30.82 -12.52 -14.69
CA GLY B 173 -31.94 -13.21 -14.07
C GLY B 173 -33.22 -12.39 -14.09
N ALA B 174 -33.14 -11.11 -14.52
CA ALA B 174 -34.29 -10.23 -14.50
C ALA B 174 -34.83 -10.00 -15.91
N GLY B 175 -36.14 -9.83 -16.01
CA GLY B 175 -36.81 -9.42 -17.23
C GLY B 175 -37.87 -8.39 -16.87
N PRO B 176 -38.46 -7.69 -17.86
CA PRO B 176 -39.44 -6.65 -17.58
C PRO B 176 -40.70 -7.13 -16.87
N GLU B 177 -41.15 -8.36 -17.14
CA GLU B 177 -42.38 -8.87 -16.54
C GLU B 177 -42.16 -9.09 -15.04
N GLU B 178 -41.01 -9.69 -14.69
CA GLU B 178 -40.69 -9.97 -13.31
C GLU B 178 -40.46 -8.68 -12.53
N ALA B 179 -39.79 -7.71 -13.16
CA ALA B 179 -39.59 -6.40 -12.54
C ALA B 179 -40.95 -5.76 -12.23
N ARG B 180 -41.87 -5.82 -13.20
CA ARG B 180 -43.20 -5.27 -13.03
C ARG B 180 -43.91 -5.97 -11.88
N ARG B 181 -43.85 -7.32 -11.85
CA ARG B 181 -44.50 -8.08 -10.80
C ARG B 181 -43.96 -7.64 -9.44
N LEU B 182 -42.67 -7.34 -9.35
CA LEU B 182 -42.01 -7.05 -8.08
C LEU B 182 -42.06 -5.56 -7.75
N GLY B 183 -42.48 -4.72 -8.70
CA GLY B 183 -42.65 -3.29 -8.48
C GLY B 183 -41.36 -2.50 -8.62
N ALA B 184 -40.41 -3.01 -9.41
CA ALA B 184 -39.16 -2.32 -9.64
C ALA B 184 -39.14 -1.80 -11.06
N GLU B 185 -38.33 -0.75 -11.29
CA GLU B 185 -38.08 -0.26 -12.62
C GLU B 185 -37.00 -1.12 -13.26
N TYR B 186 -37.30 -1.67 -14.44
CA TYR B 186 -36.43 -2.63 -15.10
C TYR B 186 -35.42 -1.84 -15.91
N MET B 187 -34.15 -2.22 -15.84
CA MET B 187 -33.09 -1.55 -16.59
C MET B 187 -32.29 -2.63 -17.31
N GLU B 188 -32.09 -2.42 -18.62
CA GLU B 188 -31.28 -3.30 -19.45
C GLU B 188 -29.82 -2.88 -19.37
N ASP B 189 -29.54 -1.58 -19.42
CA ASP B 189 -28.18 -1.13 -19.72
C ASP B 189 -27.59 -0.31 -18.58
N LEU B 190 -26.44 -0.75 -18.13
CA LEU B 190 -25.75 -0.11 -16.99
C LEU B 190 -25.53 1.38 -17.22
N LYS B 191 -25.16 1.77 -18.44
CA LYS B 191 -24.79 3.20 -18.67
C LYS B 191 -25.99 4.15 -18.57
N GLY B 192 -27.18 3.69 -18.90
CA GLY B 192 -28.37 4.52 -18.74
C GLY B 192 -28.94 4.54 -17.32
N LEU B 193 -28.35 3.78 -16.38
CA LEU B 193 -28.80 3.75 -15.00
C LEU B 193 -28.79 5.15 -14.41
N ALA B 194 -27.68 5.91 -14.58
CA ALA B 194 -27.58 7.24 -13.94
C ALA B 194 -28.63 8.19 -14.56
N GLU B 195 -28.83 8.04 -15.87
CA GLU B 195 -29.84 8.86 -16.59
C GLU B 195 -31.25 8.60 -16.03
N ALA B 196 -31.59 7.32 -15.87
CA ALA B 196 -32.91 6.93 -15.31
C ALA B 196 -33.07 7.60 -13.96
N LEU B 197 -32.02 7.58 -13.14
CA LEU B 197 -32.12 8.16 -11.77
C LEU B 197 -32.30 9.67 -11.87
N TRP B 198 -31.54 10.30 -12.75
CA TRP B 198 -31.59 11.78 -12.89
C TRP B 198 -33.01 12.17 -13.31
N LEU B 199 -33.57 11.38 -14.21
CA LEU B 199 -34.91 11.69 -14.75
C LEU B 199 -36.01 11.20 -13.81
N LEU C 6 -2.29 12.23 -15.28
CA LEU C 6 -1.89 12.45 -13.88
C LEU C 6 -0.52 13.13 -13.75
N GLY C 7 0.40 12.84 -14.66
CA GLY C 7 1.77 13.39 -14.55
C GLY C 7 1.77 14.90 -14.43
N THR C 8 1.12 15.57 -15.38
CA THR C 8 1.01 17.05 -15.38
C THR C 8 0.32 17.52 -14.10
N GLY C 9 -0.85 16.93 -13.79
CA GLY C 9 -1.60 17.33 -12.58
C GLY C 9 -0.71 17.16 -11.33
N LEU C 10 0.03 16.05 -11.29
CA LEU C 10 0.83 15.79 -10.12
C LEU C 10 1.94 16.84 -9.98
N LEU C 11 2.65 17.08 -11.07
CA LEU C 11 3.70 18.11 -11.08
C LEU C 11 3.15 19.49 -10.73
N GLU C 12 2.00 19.86 -11.34
CA GLU C 12 1.36 21.13 -11.02
C GLU C 12 0.99 21.23 -9.55
N ALA C 13 0.46 20.14 -8.96
CA ALA C 13 0.06 20.17 -7.56
C ALA C 13 1.28 20.41 -6.69
N LEU C 14 2.38 19.72 -7.00
CA LEU C 14 3.61 19.84 -6.24
C LEU C 14 4.13 21.28 -6.35
N LEU C 15 4.16 21.84 -7.56
CA LEU C 15 4.71 23.17 -7.79
C LEU C 15 3.88 24.26 -7.12
N ARG C 16 2.62 23.93 -6.72
CA ARG C 16 1.79 24.88 -5.94
C ARG C 16 1.82 24.53 -4.44
N GLY C 17 2.60 23.53 -4.08
CA GLY C 17 2.69 23.15 -2.67
C GLY C 17 1.44 22.46 -2.17
N ASP C 18 0.66 21.86 -3.07
CA ASP C 18 -0.55 21.14 -2.69
C ASP C 18 -0.21 19.67 -2.51
N LEU C 19 0.31 19.33 -1.32
CA LEU C 19 0.73 17.98 -1.01
C LEU C 19 -0.45 17.01 -0.99
N ALA C 20 -1.58 17.43 -0.41
CA ALA C 20 -2.76 16.58 -0.33
C ALA C 20 -3.25 16.19 -1.72
N GLY C 21 -3.39 17.21 -2.59
CA GLY C 21 -3.76 16.98 -3.97
C GLY C 21 -2.77 16.07 -4.69
N ALA C 22 -1.48 16.26 -4.45
CA ALA C 22 -0.45 15.44 -5.07
C ALA C 22 -0.60 13.99 -4.62
N GLU C 23 -0.86 13.81 -3.33
CA GLU C 23 -1.11 12.48 -2.77
C GLU C 23 -2.34 11.83 -3.43
N ALA C 24 -3.43 12.57 -3.58
CA ALA C 24 -4.64 12.04 -4.20
C ALA C 24 -4.35 11.58 -5.63
N LEU C 25 -3.59 12.40 -6.37
CA LEU C 25 -3.33 12.09 -7.77
C LEU C 25 -2.41 10.87 -7.86
N PHE C 26 -1.41 10.77 -6.97
CA PHE C 26 -0.55 9.59 -6.95
C PHE C 26 -1.37 8.33 -6.64
N ARG C 27 -2.26 8.39 -5.64
CA ARG C 27 -3.13 7.25 -5.30
C ARG C 27 -3.98 6.83 -6.51
N ARG C 28 -4.50 7.81 -7.26
CA ARG C 28 -5.27 7.50 -8.45
C ARG C 28 -4.41 6.70 -9.44
N GLY C 29 -3.16 7.15 -9.65
CA GLY C 29 -2.26 6.45 -10.55
C GLY C 29 -2.01 5.01 -10.08
N LEU C 30 -1.83 4.86 -8.78
CA LEU C 30 -1.59 3.56 -8.17
C LEU C 30 -2.76 2.61 -8.43
N ARG C 31 -3.99 3.13 -8.29
CA ARG C 31 -5.17 2.28 -8.43
C ARG C 31 -5.37 1.91 -9.89
N PHE C 32 -5.02 2.82 -10.81
CA PHE C 32 -5.26 2.60 -12.24
C PHE C 32 -4.16 1.74 -12.86
N TRP C 33 -2.89 2.13 -12.69
CA TRP C 33 -1.74 1.43 -13.32
C TRP C 33 -1.21 0.25 -12.48
N GLY C 34 -1.52 0.21 -11.20
CA GLY C 34 -0.94 -0.79 -10.32
C GLY C 34 0.40 -0.28 -9.80
N PRO C 35 1.06 -1.02 -8.86
CA PRO C 35 2.26 -0.49 -8.22
C PRO C 35 3.45 -0.27 -9.16
N GLU C 36 3.80 -1.30 -9.95
CA GLU C 36 4.89 -1.18 -10.91
C GLU C 36 4.52 -0.15 -11.98
N GLY C 37 3.27 -0.16 -12.42
CA GLY C 37 2.78 0.74 -13.44
C GLY C 37 2.83 2.21 -13.02
N VAL C 38 2.49 2.53 -11.78
CA VAL C 38 2.49 3.92 -11.36
C VAL C 38 3.93 4.43 -11.33
N LEU C 39 4.88 3.53 -11.04
CA LEU C 39 6.29 3.92 -11.02
C LEU C 39 6.75 4.25 -12.45
N GLU C 40 6.36 3.41 -13.40
CA GLU C 40 6.77 3.54 -14.79
C GLU C 40 6.02 4.69 -15.47
N HIS C 41 4.73 4.86 -15.20
CA HIS C 41 3.90 5.77 -15.96
C HIS C 41 3.70 7.11 -15.25
N LEU C 42 4.06 7.22 -13.98
CA LEU C 42 3.83 8.47 -13.24
C LEU C 42 5.10 8.94 -12.53
N LEU C 43 5.65 8.14 -11.61
CA LEU C 43 6.80 8.58 -10.83
C LEU C 43 7.98 8.90 -11.74
N LEU C 44 8.33 8.00 -12.66
CA LEU C 44 9.52 8.17 -13.48
C LEU C 44 9.36 9.34 -14.43
N PRO C 45 8.26 9.45 -15.21
CA PRO C 45 8.08 10.60 -16.10
C PRO C 45 8.10 11.95 -15.39
N VAL C 46 7.50 12.04 -14.21
CA VAL C 46 7.48 13.28 -13.45
C VAL C 46 8.91 13.67 -13.05
N LEU C 47 9.70 12.71 -12.56
CA LEU C 47 11.07 13.00 -12.18
C LEU C 47 11.88 13.43 -13.39
N ARG C 48 11.71 12.77 -14.54
CA ARG C 48 12.48 13.15 -15.73
C ARG C 48 12.13 14.57 -16.14
N GLU C 49 10.83 14.93 -16.06
CA GLU C 49 10.38 16.25 -16.49
C GLU C 49 10.88 17.34 -15.54
N VAL C 50 10.91 17.02 -14.23
CA VAL C 50 11.46 17.93 -13.24
C VAL C 50 12.92 18.23 -13.58
N GLY C 51 13.69 17.18 -13.91
CA GLY C 51 15.08 17.34 -14.26
C GLY C 51 15.28 18.22 -15.49
N GLU C 52 14.40 18.06 -16.49
CA GLU C 52 14.47 18.82 -17.72
C GLU C 52 14.11 20.28 -17.45
N ALA C 53 13.07 20.50 -16.64
CA ALA C 53 12.67 21.85 -16.27
C ALA C 53 13.82 22.54 -15.52
N TRP C 54 14.49 21.82 -14.63
CA TRP C 54 15.65 22.34 -13.92
C TRP C 54 16.75 22.71 -14.91
N ALA C 55 17.09 21.76 -15.80
CA ALA C 55 18.16 21.95 -16.78
C ALA C 55 17.86 23.13 -17.71
N ARG C 56 16.58 23.40 -17.98
CA ARG C 56 16.20 24.53 -18.83
C ARG C 56 16.06 25.82 -18.04
N GLY C 57 16.26 25.77 -16.71
CA GLY C 57 16.20 26.97 -15.87
C GLY C 57 14.78 27.42 -15.52
N GLU C 58 13.78 26.56 -15.72
CA GLU C 58 12.40 26.89 -15.44
C GLU C 58 12.07 26.76 -13.95
N ILE C 59 12.71 25.83 -13.26
CA ILE C 59 12.56 25.66 -11.83
C ILE C 59 13.96 25.60 -11.22
N GLY C 60 14.05 25.79 -9.92
CA GLY C 60 15.30 25.66 -9.18
C GLY C 60 15.38 24.31 -8.48
N VAL C 61 16.42 24.14 -7.66
CA VAL C 61 16.68 22.90 -6.98
C VAL C 61 15.64 22.65 -5.88
N ALA C 62 15.09 23.71 -5.29
CA ALA C 62 14.12 23.54 -4.23
C ALA C 62 12.84 22.88 -4.77
N GLU C 63 12.40 23.25 -5.97
CA GLU C 63 11.24 22.59 -6.56
C GLU C 63 11.54 21.13 -6.87
N GLU C 64 12.75 20.88 -7.38
N GLU C 64 12.76 20.90 -7.39
CA GLU C 64 13.20 19.54 -7.72
CA GLU C 64 13.16 19.55 -7.71
C GLU C 64 13.21 18.69 -6.44
C GLU C 64 13.19 18.70 -6.44
N HIS C 65 13.81 19.18 -5.32
CA HIS C 65 13.88 18.56 -3.92
CA HIS C 65 13.88 18.52 -3.93
C HIS C 65 12.44 18.13 -3.42
N LEU C 66 11.59 19.13 -3.64
CA LEU C 66 10.22 18.96 -3.14
C LEU C 66 9.59 17.76 -3.85
N ALA C 67 9.68 17.71 -5.18
CA ALA C 67 9.06 16.66 -5.95
C ALA C 67 9.71 15.32 -5.63
N SER C 68 11.04 15.28 -5.54
CA SER C 68 11.78 14.03 -5.30
C SER C 68 11.53 13.53 -3.87
N THR C 69 11.49 14.42 -2.89
CA THR C 69 11.22 14.03 -1.52
C THR C 69 9.80 13.44 -1.40
N PHE C 70 8.83 14.05 -2.06
CA PHE C 70 7.47 13.56 -2.12
C PHE C 70 7.43 12.17 -2.73
N LEU C 71 8.07 11.98 -3.89
CA LEU C 71 7.97 10.74 -4.63
C LEU C 71 8.77 9.62 -3.94
N ARG C 72 9.84 10.01 -3.26
CA ARG C 72 10.62 9.06 -2.43
C ARG C 72 9.71 8.49 -1.31
N ALA C 73 8.99 9.40 -0.68
CA ALA C 73 8.11 8.98 0.40
C ALA C 73 7.08 7.99 -0.13
N ARG C 74 6.50 8.25 -1.29
CA ARG C 74 5.50 7.36 -1.85
C ARG C 74 6.13 5.99 -2.17
N LEU C 75 7.34 5.99 -2.75
CA LEU C 75 8.00 4.74 -3.09
C LEU C 75 8.36 3.96 -1.83
N GLN C 76 8.76 4.69 -0.78
CA GLN C 76 9.10 4.07 0.48
C GLN C 76 7.87 3.37 1.08
N GLU C 77 6.69 3.99 0.98
CA GLU C 77 5.46 3.37 1.42
C GLU C 77 5.27 2.04 0.72
N LEU C 78 5.41 2.04 -0.61
CA LEU C 78 5.19 0.84 -1.38
C LEU C 78 6.21 -0.23 -1.00
N LEU C 79 7.45 0.19 -0.74
CA LEU C 79 8.53 -0.71 -0.35
C LEU C 79 8.16 -1.43 0.94
N ASP C 80 7.68 -0.63 1.89
CA ASP C 80 7.28 -1.14 3.23
C ASP C 80 6.08 -2.09 3.10
N LEU C 81 5.25 -1.89 2.09
CA LEU C 81 4.02 -2.70 1.94
C LEU C 81 4.34 -4.05 1.26
N ALA C 82 5.41 -4.08 0.46
CA ALA C 82 5.86 -5.32 -0.20
C ALA C 82 6.20 -6.44 0.81
N GLY C 83 6.48 -6.10 2.04
CA GLY C 83 6.91 -7.16 2.94
C GLY C 83 8.37 -7.62 2.76
N PHE C 84 8.89 -8.21 3.80
CA PHE C 84 10.33 -8.54 3.81
C PHE C 84 10.50 -10.02 4.18
N PRO C 85 10.85 -10.86 3.20
CA PRO C 85 11.01 -12.27 3.46
C PRO C 85 12.30 -12.63 4.22
N PRO C 86 12.29 -13.74 4.99
CA PRO C 86 13.52 -14.19 5.63
C PRO C 86 14.56 -14.67 4.62
N GLY C 87 15.78 -14.90 5.12
CA GLY C 87 16.85 -15.45 4.31
C GLY C 87 17.94 -14.42 4.03
N PRO C 88 19.07 -14.84 3.44
CA PRO C 88 20.20 -13.95 3.16
C PRO C 88 19.77 -12.71 2.39
N PRO C 89 20.05 -11.50 2.89
CA PRO C 89 19.59 -10.27 2.22
C PRO C 89 20.38 -9.95 0.96
N VAL C 90 19.78 -9.10 0.13
CA VAL C 90 20.48 -8.44 -0.96
C VAL C 90 20.61 -6.97 -0.58
N LEU C 91 21.84 -6.46 -0.47
CA LEU C 91 22.05 -5.08 -0.06
C LEU C 91 21.92 -4.19 -1.29
N VAL C 92 21.15 -3.10 -1.16
CA VAL C 92 20.91 -2.21 -2.29
C VAL C 92 21.29 -0.80 -1.86
N THR C 93 22.11 -0.14 -2.69
CA THR C 93 22.59 1.20 -2.43
C THR C 93 23.07 1.83 -3.75
N THR C 94 23.83 2.91 -3.62
CA THR C 94 24.45 3.58 -4.74
C THR C 94 25.94 3.69 -4.47
N PRO C 95 26.78 3.93 -5.50
CA PRO C 95 28.22 4.08 -5.30
C PRO C 95 28.54 5.31 -4.46
N PRO C 96 29.73 5.34 -3.82
CA PRO C 96 30.18 6.53 -3.09
C PRO C 96 30.12 7.74 -4.02
N GLY C 97 29.54 8.85 -3.53
CA GLY C 97 29.41 10.05 -4.32
C GLY C 97 28.09 10.14 -5.10
N GLU C 98 27.30 9.06 -5.12
CA GLU C 98 26.03 9.06 -5.83
C GLU C 98 24.89 9.30 -4.84
N ARG C 99 24.22 10.45 -4.95
CA ARG C 99 23.18 10.84 -4.02
C ARG C 99 21.78 10.73 -4.63
N HIS C 100 21.66 10.36 -5.91
CA HIS C 100 20.36 10.01 -6.50
C HIS C 100 20.00 8.60 -6.02
N GLU C 101 18.93 8.46 -5.21
CA GLU C 101 18.66 7.19 -4.55
C GLU C 101 17.41 6.47 -5.08
N ILE C 102 16.61 7.08 -5.96
CA ILE C 102 15.31 6.52 -6.27
C ILE C 102 15.47 5.27 -7.15
N GLY C 103 16.49 5.26 -8.02
CA GLY C 103 16.81 4.08 -8.81
C GLY C 103 17.11 2.87 -7.93
N ALA C 104 17.91 3.08 -6.88
CA ALA C 104 18.21 2.03 -5.93
C ALA C 104 16.94 1.56 -5.22
N MET C 105 16.12 2.49 -4.78
CA MET C 105 14.85 2.16 -4.13
C MET C 105 13.97 1.33 -5.06
N LEU C 106 13.94 1.68 -6.35
CA LEU C 106 13.18 0.94 -7.33
C LEU C 106 13.69 -0.49 -7.46
N ALA C 107 15.02 -0.65 -7.48
CA ALA C 107 15.62 -1.97 -7.56
C ALA C 107 15.20 -2.82 -6.36
N ALA C 108 15.28 -2.23 -5.16
CA ALA C 108 14.90 -2.93 -3.94
C ALA C 108 13.41 -3.31 -4.01
N TYR C 109 12.60 -2.42 -4.57
CA TYR C 109 11.17 -2.64 -4.65
C TYR C 109 10.84 -3.83 -5.54
N HIS C 110 11.41 -3.83 -6.76
CA HIS C 110 11.19 -4.91 -7.72
C HIS C 110 11.66 -6.25 -7.14
N LEU C 111 12.77 -6.24 -6.40
CA LEU C 111 13.22 -7.48 -5.77
C LEU C 111 12.22 -7.95 -4.71
N ARG C 112 11.76 -7.04 -3.84
CA ARG C 112 10.84 -7.42 -2.77
C ARG C 112 9.52 -7.92 -3.34
N ARG C 113 9.07 -7.31 -4.44
CA ARG C 113 7.83 -7.71 -5.09
C ARG C 113 7.93 -9.14 -5.60
N LYS C 114 9.16 -9.63 -5.82
CA LYS C 114 9.37 -10.99 -6.30
C LYS C 114 9.87 -11.88 -5.15
N GLY C 115 9.75 -11.42 -3.90
CA GLY C 115 10.03 -12.28 -2.75
C GLY C 115 11.52 -12.36 -2.38
N VAL C 116 12.30 -11.37 -2.85
CA VAL C 116 13.72 -11.30 -2.51
C VAL C 116 13.92 -10.30 -1.37
N PRO C 117 14.65 -10.67 -0.28
CA PRO C 117 14.83 -9.76 0.83
C PRO C 117 15.89 -8.68 0.52
N ALA C 118 15.44 -7.65 -0.21
CA ALA C 118 16.30 -6.54 -0.55
C ALA C 118 16.31 -5.56 0.63
N LEU C 119 17.48 -5.37 1.22
CA LEU C 119 17.72 -4.35 2.24
C LEU C 119 18.20 -3.09 1.55
N TYR C 120 17.33 -2.07 1.49
CA TYR C 120 17.72 -0.77 0.99
C TYR C 120 18.46 -0.01 2.08
N LEU C 121 19.72 0.38 1.83
CA LEU C 121 20.56 0.98 2.86
C LEU C 121 20.43 2.50 2.89
N GLY C 122 19.87 3.09 1.84
CA GLY C 122 20.12 4.50 1.56
C GLY C 122 21.25 4.59 0.54
N PRO C 123 21.52 5.81 0.00
CA PRO C 123 22.54 5.99 -1.02
C PRO C 123 23.94 6.16 -0.43
N ASP C 124 24.95 6.09 -1.30
CA ASP C 124 26.25 6.69 -1.04
C ASP C 124 26.97 5.93 0.09
N THR C 125 27.26 4.66 -0.14
CA THR C 125 27.86 3.82 0.88
C THR C 125 29.31 3.55 0.49
N PRO C 126 30.28 3.87 1.37
CA PRO C 126 31.69 3.54 1.11
C PRO C 126 31.83 2.04 0.94
N LEU C 127 32.71 1.65 0.02
CA LEU C 127 32.80 0.27 -0.41
C LEU C 127 33.29 -0.65 0.70
N PRO C 128 34.29 -0.28 1.54
CA PRO C 128 34.73 -1.18 2.61
C PRO C 128 33.58 -1.46 3.59
N ASP C 129 32.81 -0.42 3.93
CA ASP C 129 31.70 -0.55 4.85
C ASP C 129 30.62 -1.45 4.26
N LEU C 130 30.35 -1.30 2.95
CA LEU C 130 29.36 -2.10 2.26
C LEU C 130 29.78 -3.57 2.27
N ARG C 131 31.06 -3.81 1.95
CA ARG C 131 31.61 -5.15 1.92
C ARG C 131 31.49 -5.79 3.30
N ALA C 132 31.80 -5.02 4.36
CA ALA C 132 31.78 -5.54 5.71
C ALA C 132 30.36 -5.97 6.11
N LEU C 133 29.36 -5.14 5.78
CA LEU C 133 27.98 -5.47 6.14
C LEU C 133 27.53 -6.70 5.37
N ALA C 134 27.87 -6.79 4.08
CA ALA C 134 27.52 -7.95 3.27
C ALA C 134 28.08 -9.23 3.90
N ARG C 135 29.36 -9.15 4.29
CA ARG C 135 30.06 -10.26 4.94
C ARG C 135 29.33 -10.63 6.22
N ARG C 136 29.04 -9.63 7.05
CA ARG C 136 28.51 -9.88 8.38
C ARG C 136 27.08 -10.44 8.32
N LEU C 137 26.30 -10.05 7.31
CA LEU C 137 24.92 -10.52 7.20
C LEU C 137 24.84 -11.75 6.30
N GLY C 138 25.96 -12.18 5.70
CA GLY C 138 25.92 -13.28 4.77
C GLY C 138 25.07 -12.95 3.53
N ALA C 139 25.14 -11.70 3.07
CA ALA C 139 24.34 -11.24 1.93
C ALA C 139 24.73 -12.04 0.68
N GLY C 140 23.70 -12.43 -0.08
CA GLY C 140 23.88 -13.16 -1.33
C GLY C 140 24.33 -12.25 -2.47
N ALA C 141 23.95 -10.98 -2.39
CA ALA C 141 24.29 -10.05 -3.46
C ALA C 141 24.29 -8.61 -2.96
N VAL C 142 24.93 -7.77 -3.78
CA VAL C 142 24.87 -6.33 -3.68
C VAL C 142 24.38 -5.80 -5.02
N VAL C 143 23.50 -4.80 -4.95
CA VAL C 143 22.99 -4.12 -6.14
C VAL C 143 23.27 -2.64 -6.00
N LEU C 144 23.84 -2.06 -7.06
CA LEU C 144 24.14 -0.64 -7.08
C LEU C 144 23.40 0.02 -8.25
N SER C 145 22.82 1.18 -7.94
CA SER C 145 22.23 2.06 -8.93
C SER C 145 23.16 3.27 -9.13
N ALA C 146 23.59 3.46 -10.37
CA ALA C 146 24.37 4.61 -10.77
C ALA C 146 23.53 5.48 -11.70
N VAL C 147 23.23 6.70 -11.26
CA VAL C 147 22.50 7.64 -12.09
C VAL C 147 23.49 8.51 -12.85
N LEU C 148 24.47 9.08 -12.14
CA LEU C 148 25.59 9.79 -12.74
C LEU C 148 26.67 8.79 -13.13
N SER C 149 27.49 9.16 -14.12
CA SER C 149 28.62 8.32 -14.49
C SER C 149 29.85 8.63 -13.65
N GLU C 150 29.95 9.85 -13.11
CA GLU C 150 31.15 10.32 -12.45
C GLU C 150 31.49 9.49 -11.22
N PRO C 151 30.54 9.09 -10.36
CA PRO C 151 30.92 8.27 -9.20
C PRO C 151 31.57 6.94 -9.58
N LEU C 152 31.21 6.38 -10.74
CA LEU C 152 31.83 5.14 -11.21
C LEU C 152 33.23 5.42 -11.73
N ARG C 153 33.39 6.51 -12.47
CA ARG C 153 34.66 6.90 -13.06
C ARG C 153 35.69 7.13 -11.94
N ALA C 154 35.22 7.57 -10.76
CA ALA C 154 36.08 7.84 -9.61
C ALA C 154 36.62 6.56 -8.98
N LEU C 155 36.01 5.40 -9.28
CA LEU C 155 36.41 4.15 -8.65
C LEU C 155 37.55 3.52 -9.44
N PRO C 156 38.52 2.87 -8.76
CA PRO C 156 39.58 2.11 -9.44
C PRO C 156 39.07 0.81 -10.07
N ASP C 157 39.82 0.34 -11.07
CA ASP C 157 39.53 -0.94 -11.70
C ASP C 157 39.29 -2.01 -10.64
N GLY C 158 38.22 -2.79 -10.83
CA GLY C 158 37.93 -3.95 -10.00
C GLY C 158 37.38 -3.60 -8.62
N ALA C 159 36.99 -2.32 -8.42
CA ALA C 159 36.61 -1.88 -7.08
C ALA C 159 35.34 -2.58 -6.58
N LEU C 160 34.46 -3.05 -7.47
CA LEU C 160 33.20 -3.63 -7.03
C LEU C 160 33.28 -5.15 -6.92
N LYS C 161 34.43 -5.72 -7.30
CA LYS C 161 34.61 -7.16 -7.25
C LYS C 161 34.57 -7.61 -5.79
N ASP C 162 33.92 -8.74 -5.55
CA ASP C 162 33.89 -9.35 -4.22
C ASP C 162 33.27 -8.44 -3.15
N LEU C 163 32.38 -7.50 -3.51
CA LEU C 163 31.56 -6.89 -2.47
C LEU C 163 30.69 -7.97 -1.82
N ALA C 164 30.29 -8.95 -2.65
CA ALA C 164 29.41 -10.02 -2.25
C ALA C 164 29.52 -11.09 -3.34
N PRO C 165 28.94 -12.30 -3.16
CA PRO C 165 29.04 -13.35 -4.17
C PRO C 165 28.52 -12.95 -5.55
N ARG C 166 27.51 -12.05 -5.58
CA ARG C 166 27.03 -11.46 -6.82
C ARG C 166 26.99 -9.94 -6.61
N VAL C 167 27.47 -9.20 -7.61
CA VAL C 167 27.41 -7.75 -7.58
C VAL C 167 26.81 -7.27 -8.90
N PHE C 168 25.71 -6.53 -8.81
CA PHE C 168 25.00 -6.05 -9.97
C PHE C 168 25.09 -4.52 -10.01
N LEU C 169 25.28 -4.00 -11.22
CA LEU C 169 25.33 -2.58 -11.42
C LEU C 169 24.40 -2.24 -12.58
N GLY C 170 23.59 -1.20 -12.39
CA GLY C 170 22.77 -0.66 -13.46
C GLY C 170 22.46 0.80 -13.19
N GLY C 171 21.60 1.36 -14.06
CA GLY C 171 21.22 2.75 -14.00
C GLY C 171 21.76 3.51 -15.21
N GLN C 172 21.32 4.76 -15.34
CA GLN C 172 21.65 5.63 -16.46
C GLN C 172 23.15 5.91 -16.52
N GLY C 173 23.81 5.98 -15.36
CA GLY C 173 25.23 6.27 -15.32
C GLY C 173 26.11 5.07 -15.64
N ALA C 174 25.50 3.89 -15.78
CA ALA C 174 26.27 2.66 -15.93
C ALA C 174 26.11 2.12 -17.34
N GLY C 175 27.16 1.47 -17.84
CA GLY C 175 27.14 0.75 -19.09
C GLY C 175 27.91 -0.55 -18.91
N PRO C 176 27.84 -1.50 -19.87
CA PRO C 176 28.51 -2.80 -19.71
C PRO C 176 30.04 -2.72 -19.60
N GLU C 177 30.67 -1.75 -20.28
CA GLU C 177 32.12 -1.64 -20.27
C GLU C 177 32.59 -1.20 -18.88
N GLU C 178 31.89 -0.23 -18.29
CA GLU C 178 32.24 0.28 -16.97
C GLU C 178 31.99 -0.80 -15.91
N ALA C 179 30.89 -1.55 -16.05
CA ALA C 179 30.63 -2.67 -15.16
C ALA C 179 31.80 -3.68 -15.22
N ARG C 180 32.22 -4.02 -16.42
CA ARG C 180 33.33 -4.93 -16.63
C ARG C 180 34.60 -4.39 -15.99
N ARG C 181 34.89 -3.10 -16.20
CA ARG C 181 36.09 -2.49 -15.63
C ARG C 181 36.06 -2.63 -14.11
N LEU C 182 34.86 -2.48 -13.51
CA LEU C 182 34.74 -2.41 -12.06
C LEU C 182 34.52 -3.79 -11.45
N GLY C 183 34.27 -4.81 -12.29
CA GLY C 183 34.07 -6.18 -11.81
C GLY C 183 32.65 -6.47 -11.31
N ALA C 184 31.66 -5.76 -11.87
CA ALA C 184 30.27 -6.02 -11.56
C ALA C 184 29.58 -6.63 -12.77
N GLU C 185 28.47 -7.34 -12.53
CA GLU C 185 27.59 -7.78 -13.60
C GLU C 185 26.66 -6.61 -13.96
N TYR C 186 26.59 -6.30 -15.25
CA TYR C 186 25.76 -5.21 -15.72
C TYR C 186 24.33 -5.72 -15.91
N MET C 187 23.35 -4.93 -15.46
CA MET C 187 21.95 -5.26 -15.66
C MET C 187 21.25 -4.05 -16.27
N GLU C 188 20.52 -4.30 -17.35
CA GLU C 188 19.79 -3.30 -18.12
C GLU C 188 18.41 -3.07 -17.48
N ASP C 189 17.73 -4.15 -17.09
CA ASP C 189 16.32 -4.09 -16.71
C ASP C 189 16.16 -4.47 -15.24
N LEU C 190 15.31 -3.72 -14.53
CA LEU C 190 14.93 -4.05 -13.15
C LEU C 190 14.26 -5.41 -13.07
N LYS C 191 13.53 -5.80 -14.12
CA LYS C 191 12.80 -7.04 -14.17
C LYS C 191 13.74 -8.23 -14.33
N GLY C 192 14.92 -7.99 -14.91
CA GLY C 192 15.91 -9.03 -15.11
C GLY C 192 16.70 -9.33 -13.83
N LEU C 193 16.57 -8.46 -12.82
CA LEU C 193 17.36 -8.55 -11.61
C LEU C 193 16.92 -9.76 -10.79
N ALA C 194 15.59 -9.90 -10.63
CA ALA C 194 15.02 -11.00 -9.87
C ALA C 194 15.33 -12.32 -10.57
N GLU C 195 15.23 -12.32 -11.91
CA GLU C 195 15.59 -13.49 -12.71
C GLU C 195 17.01 -13.93 -12.40
N ALA C 196 17.95 -12.97 -12.47
CA ALA C 196 19.35 -13.27 -12.28
C ALA C 196 19.58 -13.97 -10.94
N LEU C 197 18.84 -13.56 -9.90
CA LEU C 197 19.02 -14.12 -8.58
C LEU C 197 18.38 -15.50 -8.46
N TRP C 198 17.17 -15.67 -9.01
CA TRP C 198 16.37 -16.89 -8.84
C TRP C 198 16.98 -18.03 -9.67
N ASP D 5 14.68 -3.45 27.05
CA ASP D 5 14.80 -2.05 26.56
C ASP D 5 14.55 -2.05 25.04
N LEU D 6 13.56 -1.28 24.59
CA LEU D 6 13.14 -1.32 23.20
C LEU D 6 14.25 -0.73 22.32
N GLY D 7 15.00 0.25 22.86
CA GLY D 7 16.03 0.93 22.10
C GLY D 7 17.15 -0.02 21.67
N THR D 8 17.64 -0.82 22.64
CA THR D 8 18.66 -1.80 22.39
C THR D 8 18.16 -2.85 21.41
N GLY D 9 16.95 -3.38 21.67
CA GLY D 9 16.34 -4.37 20.82
C GLY D 9 16.20 -3.85 19.38
N LEU D 10 15.77 -2.60 19.24
CA LEU D 10 15.53 -2.02 17.92
C LEU D 10 16.84 -1.88 17.16
N LEU D 11 17.86 -1.32 17.83
CA LEU D 11 19.18 -1.17 17.23
C LEU D 11 19.73 -2.54 16.82
N GLU D 12 19.63 -3.55 17.70
CA GLU D 12 20.11 -4.88 17.40
C GLU D 12 19.41 -5.46 16.18
N ALA D 13 18.09 -5.27 16.08
CA ALA D 13 17.35 -5.83 14.96
C ALA D 13 17.84 -5.19 13.66
N LEU D 14 18.03 -3.86 13.69
CA LEU D 14 18.49 -3.13 12.52
C LEU D 14 19.87 -3.61 12.10
N LEU D 15 20.79 -3.73 13.07
CA LEU D 15 22.17 -4.09 12.78
C LEU D 15 22.27 -5.50 12.22
N ARG D 16 21.25 -6.35 12.42
CA ARG D 16 21.29 -7.67 11.81
C ARG D 16 20.34 -7.74 10.61
N GLY D 17 19.81 -6.60 10.18
CA GLY D 17 18.99 -6.57 8.97
C GLY D 17 17.63 -7.25 9.15
N ASP D 18 17.16 -7.30 10.40
CA ASP D 18 15.84 -7.82 10.70
C ASP D 18 14.82 -6.68 10.66
N LEU D 19 14.39 -6.32 9.44
CA LEU D 19 13.47 -5.20 9.27
C LEU D 19 12.12 -5.46 9.93
N ALA D 20 11.59 -6.69 9.79
CA ALA D 20 10.30 -7.02 10.35
C ALA D 20 10.32 -6.84 11.87
N GLY D 21 11.34 -7.42 12.52
CA GLY D 21 11.54 -7.26 13.94
C GLY D 21 11.69 -5.81 14.34
N ALA D 22 12.45 -5.03 13.56
CA ALA D 22 12.66 -3.63 13.84
C ALA D 22 11.35 -2.87 13.77
N GLU D 23 10.55 -3.19 12.75
CA GLU D 23 9.27 -2.53 12.59
C GLU D 23 8.35 -2.89 13.76
N ALA D 24 8.32 -4.17 14.18
CA ALA D 24 7.49 -4.57 15.30
C ALA D 24 7.88 -3.81 16.56
N LEU D 25 9.19 -3.65 16.81
CA LEU D 25 9.65 -2.98 18.02
C LEU D 25 9.33 -1.51 17.96
N PHE D 26 9.49 -0.89 16.79
CA PHE D 26 9.13 0.51 16.65
C PHE D 26 7.63 0.70 16.88
N ARG D 27 6.78 -0.15 16.29
CA ARG D 27 5.33 -0.09 16.50
C ARG D 27 4.98 -0.26 17.97
N ARG D 28 5.67 -1.14 18.69
CA ARG D 28 5.45 -1.29 20.11
C ARG D 28 5.73 0.02 20.84
N GLY D 29 6.83 0.68 20.49
CA GLY D 29 7.15 1.95 21.10
C GLY D 29 6.09 3.02 20.82
N LEU D 30 5.61 3.04 19.58
CA LEU D 30 4.55 3.96 19.16
C LEU D 30 3.28 3.70 19.97
N ARG D 31 2.92 2.44 20.20
CA ARG D 31 1.69 2.12 20.90
C ARG D 31 1.80 2.51 22.36
N PHE D 32 3.01 2.37 22.93
CA PHE D 32 3.24 2.61 24.34
C PHE D 32 3.42 4.11 24.63
N TRP D 33 4.32 4.80 23.90
CA TRP D 33 4.71 6.17 24.20
CA TRP D 33 4.69 6.17 24.22
C TRP D 33 3.86 7.18 23.44
N GLY D 34 3.26 6.75 22.32
CA GLY D 34 2.58 7.67 21.43
C GLY D 34 3.57 8.35 20.47
N PRO D 35 3.10 9.16 19.51
CA PRO D 35 3.98 9.74 18.48
C PRO D 35 5.11 10.62 19.01
N GLU D 36 4.80 11.60 19.87
CA GLU D 36 5.86 12.45 20.43
C GLU D 36 6.84 11.64 21.26
N GLY D 37 6.27 10.76 22.08
CA GLY D 37 7.04 9.96 23.01
C GLY D 37 7.98 8.99 22.32
N VAL D 38 7.54 8.37 21.21
CA VAL D 38 8.39 7.39 20.56
C VAL D 38 9.60 8.11 19.96
N LEU D 39 9.44 9.38 19.57
CA LEU D 39 10.54 10.13 19.00
C LEU D 39 11.58 10.39 20.08
N GLU D 40 11.10 10.81 21.26
CA GLU D 40 11.94 11.18 22.37
C GLU D 40 12.57 9.95 23.02
N HIS D 41 11.81 8.85 23.15
CA HIS D 41 12.28 7.72 23.93
C HIS D 41 12.90 6.62 23.07
N LEU D 42 12.69 6.64 21.75
CA LEU D 42 13.16 5.53 20.91
C LEU D 42 13.92 6.02 19.68
N LEU D 43 13.30 6.85 18.84
CA LEU D 43 13.93 7.26 17.59
C LEU D 43 15.23 8.03 17.84
N LEU D 44 15.17 9.05 18.71
CA LEU D 44 16.31 9.92 18.92
C LEU D 44 17.43 9.17 19.64
N PRO D 45 17.16 8.43 20.74
CA PRO D 45 18.24 7.69 21.40
C PRO D 45 18.96 6.71 20.49
N VAL D 46 18.19 6.00 19.65
CA VAL D 46 18.79 5.01 18.75
C VAL D 46 19.70 5.72 17.75
N LEU D 47 19.29 6.85 17.18
CA LEU D 47 20.13 7.58 16.25
C LEU D 47 21.41 8.06 16.93
N ARG D 48 21.29 8.59 18.16
CA ARG D 48 22.48 9.08 18.85
C ARG D 48 23.46 7.93 19.10
N GLU D 49 22.93 6.77 19.45
CA GLU D 49 23.76 5.62 19.79
C GLU D 49 24.45 5.07 18.55
N VAL D 50 23.75 5.08 17.42
CA VAL D 50 24.31 4.67 16.15
C VAL D 50 25.53 5.55 15.82
N GLY D 51 25.37 6.87 16.00
CA GLY D 51 26.45 7.81 15.76
C GLY D 51 27.68 7.53 16.63
N GLU D 52 27.42 7.19 17.91
CA GLU D 52 28.47 6.94 18.87
C GLU D 52 29.18 5.62 18.54
N ALA D 53 28.41 4.60 18.17
CA ALA D 53 28.97 3.33 17.77
C ALA D 53 29.84 3.51 16.53
N TRP D 54 29.39 4.32 15.58
CA TRP D 54 30.18 4.62 14.40
C TRP D 54 31.49 5.31 14.81
N ALA D 55 31.37 6.36 15.63
CA ALA D 55 32.51 7.16 16.05
C ALA D 55 33.52 6.31 16.82
N ARG D 56 33.06 5.27 17.53
CA ARG D 56 33.93 4.39 18.27
C ARG D 56 34.46 3.25 17.40
N GLY D 57 34.05 3.18 16.13
CA GLY D 57 34.55 2.17 15.22
C GLY D 57 33.86 0.81 15.33
N GLU D 58 32.74 0.75 16.04
CA GLU D 58 32.05 -0.52 16.28
C GLU D 58 31.19 -0.93 15.09
N ILE D 59 30.64 0.05 14.36
CA ILE D 59 29.87 -0.21 13.17
C ILE D 59 30.44 0.65 12.06
N GLY D 60 30.11 0.30 10.81
CA GLY D 60 30.48 1.07 9.65
C GLY D 60 29.34 1.98 9.21
N VAL D 61 29.54 2.67 8.07
CA VAL D 61 28.58 3.62 7.57
C VAL D 61 27.32 2.91 7.05
N ALA D 62 27.48 1.69 6.55
CA ALA D 62 26.37 0.92 6.03
C ALA D 62 25.34 0.65 7.12
N GLU D 63 25.78 0.28 8.32
CA GLU D 63 24.87 0.06 9.43
C GLU D 63 24.19 1.35 9.83
N GLU D 64 24.96 2.44 9.85
CA GLU D 64 24.43 3.76 10.20
C GLU D 64 23.33 4.14 9.19
N HIS D 65 23.62 3.98 7.93
CA HIS D 65 22.65 4.28 6.85
CA HIS D 65 22.63 4.32 6.89
C HIS D 65 21.31 3.50 6.92
N LEU D 66 21.54 2.22 7.25
CA LEU D 66 20.40 1.32 7.38
C LEU D 66 19.48 1.84 8.49
N ALA D 67 20.05 2.16 9.65
CA ALA D 67 19.25 2.63 10.78
C ALA D 67 18.58 3.95 10.47
N SER D 68 19.35 4.91 9.83
CA SER D 68 18.71 6.20 9.59
C SER D 68 17.67 6.08 8.46
N THR D 69 17.88 5.28 7.45
CA THR D 69 16.89 5.11 6.40
C THR D 69 15.59 4.54 6.99
N PHE D 70 15.71 3.55 7.87
CA PHE D 70 14.57 2.98 8.57
C PHE D 70 13.84 4.05 9.39
N LEU D 71 14.59 4.82 10.20
CA LEU D 71 13.98 5.78 11.11
C LEU D 71 13.40 6.98 10.36
N ARG D 72 14.01 7.35 9.24
CA ARG D 72 13.45 8.36 8.35
C ARG D 72 12.09 7.94 7.82
N ALA D 73 11.97 6.66 7.43
CA ALA D 73 10.69 6.16 6.95
C ALA D 73 9.61 6.27 8.04
N ARG D 74 9.98 5.92 9.27
CA ARG D 74 9.03 6.00 10.39
C ARG D 74 8.61 7.45 10.64
N LEU D 75 9.57 8.36 10.58
CA LEU D 75 9.29 9.77 10.83
C LEU D 75 8.45 10.34 9.70
N GLN D 76 8.67 9.86 8.47
CA GLN D 76 7.84 10.27 7.34
C GLN D 76 6.39 9.87 7.55
N GLU D 77 6.14 8.66 8.04
CA GLU D 77 4.76 8.24 8.43
C GLU D 77 4.17 9.24 9.44
N LEU D 78 4.98 9.60 10.44
CA LEU D 78 4.48 10.53 11.48
C LEU D 78 4.14 11.91 10.86
N LEU D 79 4.99 12.36 9.94
CA LEU D 79 4.81 13.66 9.25
C LEU D 79 3.45 13.65 8.51
N ASP D 80 3.21 12.57 7.78
CA ASP D 80 1.93 12.41 7.02
C ASP D 80 0.73 12.28 7.98
N LEU D 81 0.89 11.60 9.13
CA LEU D 81 -0.18 11.48 10.14
C LEU D 81 -0.51 12.85 10.73
N ALA D 82 0.52 13.68 10.94
CA ALA D 82 0.35 15.02 11.52
C ALA D 82 -0.52 15.86 10.57
N GLY D 83 -0.58 15.43 9.32
CA GLY D 83 -1.40 16.15 8.34
C GLY D 83 -0.71 17.40 7.77
N PHE D 84 -1.28 17.95 6.71
CA PHE D 84 -0.72 19.15 6.03
C PHE D 84 -1.84 20.18 5.87
N PRO D 85 -1.96 21.07 6.85
CA PRO D 85 -3.01 22.06 6.85
C PRO D 85 -2.90 23.06 5.67
N PRO D 86 -4.03 23.65 5.21
CA PRO D 86 -4.01 24.64 4.14
C PRO D 86 -3.38 25.95 4.65
N GLY D 87 -3.08 26.85 3.74
CA GLY D 87 -2.50 28.14 4.08
C GLY D 87 -1.05 28.24 3.65
N PRO D 88 -0.45 29.44 3.71
CA PRO D 88 0.90 29.67 3.27
C PRO D 88 1.89 28.75 3.96
N PRO D 89 2.71 27.99 3.22
CA PRO D 89 3.60 27.02 3.83
C PRO D 89 4.80 27.64 4.55
N VAL D 90 5.36 26.84 5.45
CA VAL D 90 6.65 27.11 6.04
C VAL D 90 7.60 26.09 5.44
N LEU D 91 8.65 26.57 4.76
CA LEU D 91 9.57 25.64 4.10
C LEU D 91 10.59 25.18 5.12
N VAL D 92 10.86 23.87 5.15
CA VAL D 92 11.82 23.31 6.08
C VAL D 92 12.88 22.54 5.29
N THR D 93 14.15 22.81 5.60
CA THR D 93 15.28 22.12 4.95
C THR D 93 16.52 22.27 5.83
N THR D 94 17.70 22.02 5.22
CA THR D 94 18.97 22.20 5.88
C THR D 94 19.84 23.10 5.00
N PRO D 95 20.90 23.71 5.56
CA PRO D 95 21.81 24.57 4.77
C PRO D 95 22.55 23.77 3.69
N PRO D 96 23.03 24.47 2.64
CA PRO D 96 23.80 23.79 1.59
C PRO D 96 24.99 23.09 2.26
N GLY D 97 25.23 21.84 1.88
CA GLY D 97 26.31 21.05 2.46
C GLY D 97 25.90 20.23 3.69
N GLU D 98 24.67 20.44 4.19
CA GLU D 98 24.20 19.70 5.36
C GLU D 98 23.30 18.57 4.89
N ARG D 99 23.74 17.32 5.08
CA ARG D 99 23.03 16.15 4.58
C ARG D 99 22.34 15.36 5.69
N HIS D 100 22.47 15.78 6.95
CA HIS D 100 21.69 15.22 8.05
C HIS D 100 20.28 15.83 7.97
N GLU D 101 19.26 15.00 7.71
CA GLU D 101 17.93 15.54 7.44
C GLU D 101 16.90 15.30 8.55
N ILE D 102 17.20 14.46 9.55
CA ILE D 102 16.16 14.06 10.46
C ILE D 102 15.77 15.21 11.39
N GLY D 103 16.73 16.07 11.76
CA GLY D 103 16.43 17.27 12.53
C GLY D 103 15.39 18.16 11.83
N ALA D 104 15.60 18.37 10.52
CA ALA D 104 14.65 19.16 9.73
C ALA D 104 13.27 18.48 9.70
N MET D 105 13.25 17.16 9.49
CA MET D 105 12.01 16.41 9.48
C MET D 105 11.28 16.54 10.83
N LEU D 106 12.03 16.50 11.92
CA LEU D 106 11.47 16.69 13.25
C LEU D 106 10.83 18.06 13.39
N ALA D 107 11.51 19.09 12.87
CA ALA D 107 10.99 20.46 12.96
C ALA D 107 9.67 20.54 12.20
N ALA D 108 9.63 19.96 11.01
CA ALA D 108 8.42 19.95 10.21
C ALA D 108 7.30 19.23 10.97
N TYR D 109 7.63 18.12 11.65
CA TYR D 109 6.64 17.33 12.37
C TYR D 109 6.01 18.17 13.49
N HIS D 110 6.87 18.77 14.33
CA HIS D 110 6.40 19.57 15.45
C HIS D 110 5.53 20.74 14.98
N LEU D 111 5.90 21.36 13.85
CA LEU D 111 5.09 22.43 13.30
C LEU D 111 3.72 21.90 12.85
N ARG D 112 3.70 20.76 12.15
CA ARG D 112 2.45 20.22 11.64
C ARG D 112 1.53 19.82 12.79
N ARG D 113 2.12 19.29 13.87
CA ARG D 113 1.35 18.89 15.03
C ARG D 113 0.65 20.09 15.67
N LYS D 114 1.16 21.30 15.40
CA LYS D 114 0.56 22.51 15.95
C LYS D 114 -0.22 23.25 14.87
N GLY D 115 -0.51 22.58 13.74
CA GLY D 115 -1.40 23.15 12.73
C GLY D 115 -0.69 24.08 11.74
N VAL D 116 0.64 24.05 11.69
CA VAL D 116 1.41 24.85 10.74
C VAL D 116 1.76 24.02 9.51
N PRO D 117 1.50 24.53 8.27
CA PRO D 117 1.80 23.76 7.07
C PRO D 117 3.28 23.79 6.74
N ALA D 118 4.03 22.91 7.43
CA ALA D 118 5.45 22.79 7.23
C ALA D 118 5.70 21.85 6.06
N LEU D 119 6.23 22.42 4.98
CA LEU D 119 6.59 21.72 3.75
C LEU D 119 8.07 21.29 3.82
N TYR D 120 8.32 20.02 4.09
CA TYR D 120 9.66 19.51 4.18
C TYR D 120 10.22 19.29 2.76
N LEU D 121 11.35 19.94 2.43
CA LEU D 121 11.87 19.89 1.06
C LEU D 121 12.83 18.73 0.84
N GLY D 122 13.32 18.12 1.91
CA GLY D 122 14.56 17.37 1.84
C GLY D 122 15.72 18.25 2.29
N PRO D 123 16.93 17.69 2.47
CA PRO D 123 18.08 18.47 2.95
C PRO D 123 18.80 19.21 1.80
N ASP D 124 19.69 20.13 2.19
CA ASP D 124 20.79 20.57 1.34
C ASP D 124 20.29 21.37 0.14
N THR D 125 19.65 22.50 0.43
CA THR D 125 19.02 23.32 -0.59
C THR D 125 19.87 24.58 -0.79
N PRO D 126 20.37 24.84 -2.01
CA PRO D 126 21.08 26.09 -2.29
C PRO D 126 20.18 27.28 -1.99
N LEU D 127 20.76 28.34 -1.45
CA LEU D 127 19.99 29.43 -0.91
C LEU D 127 19.23 30.21 -1.98
N PRO D 128 19.78 30.53 -3.17
CA PRO D 128 18.99 31.21 -4.20
C PRO D 128 17.75 30.40 -4.60
N ASP D 129 17.91 29.08 -4.73
CA ASP D 129 16.80 28.20 -5.08
C ASP D 129 15.76 28.18 -3.96
N LEU D 130 16.21 28.18 -2.70
CA LEU D 130 15.31 28.17 -1.56
C LEU D 130 14.51 29.46 -1.53
N ARG D 131 15.20 30.59 -1.76
CA ARG D 131 14.58 31.90 -1.80
C ARG D 131 13.50 31.94 -2.86
N ALA D 132 13.82 31.40 -4.04
CA ALA D 132 12.88 31.41 -5.17
C ALA D 132 11.63 30.60 -4.85
N LEU D 133 11.77 29.43 -4.23
CA LEU D 133 10.61 28.62 -3.90
C LEU D 133 9.76 29.30 -2.83
N ALA D 134 10.41 29.91 -1.83
CA ALA D 134 9.68 30.65 -0.80
C ALA D 134 8.82 31.75 -1.44
N ARG D 135 9.44 32.49 -2.36
CA ARG D 135 8.80 33.54 -3.13
C ARG D 135 7.62 32.96 -3.91
N ARG D 136 7.85 31.87 -4.62
CA ARG D 136 6.86 31.30 -5.53
C ARG D 136 5.65 30.76 -4.76
N LEU D 137 5.88 30.22 -3.55
CA LEU D 137 4.80 29.65 -2.77
C LEU D 137 4.21 30.68 -1.79
N GLY D 138 4.77 31.89 -1.74
CA GLY D 138 4.36 32.87 -0.76
C GLY D 138 4.54 32.38 0.69
N ALA D 139 5.65 31.69 0.94
CA ALA D 139 5.95 31.11 2.22
C ALA D 139 6.09 32.20 3.28
N GLY D 140 5.47 31.96 4.46
CA GLY D 140 5.55 32.92 5.56
C GLY D 140 6.87 32.79 6.33
N ALA D 141 7.48 31.61 6.25
CA ALA D 141 8.70 31.35 7.01
C ALA D 141 9.50 30.24 6.39
N VAL D 142 10.80 30.28 6.70
CA VAL D 142 11.73 29.21 6.38
C VAL D 142 12.38 28.75 7.67
N VAL D 143 12.56 27.44 7.82
CA VAL D 143 13.22 26.84 8.98
C VAL D 143 14.38 25.99 8.48
N LEU D 144 15.54 26.18 9.11
CA LEU D 144 16.73 25.38 8.78
C LEU D 144 17.21 24.63 10.02
N SER D 145 17.53 23.36 9.81
CA SER D 145 18.21 22.53 10.79
C SER D 145 19.68 22.38 10.39
N ALA D 146 20.56 22.76 11.34
CA ALA D 146 21.99 22.62 11.18
C ALA D 146 22.49 21.63 12.22
N VAL D 147 23.02 20.50 11.75
CA VAL D 147 23.58 19.49 12.62
C VAL D 147 25.08 19.75 12.76
N LEU D 148 25.76 19.91 11.62
CA LEU D 148 27.16 20.31 11.57
C LEU D 148 27.25 21.83 11.64
N SER D 149 28.37 22.35 12.16
CA SER D 149 28.59 23.78 12.19
C SER D 149 29.22 24.29 10.88
N GLU D 150 29.96 23.42 10.18
CA GLU D 150 30.76 23.83 9.04
C GLU D 150 29.91 24.41 7.92
N PRO D 151 28.74 23.82 7.56
CA PRO D 151 27.93 24.41 6.50
C PRO D 151 27.50 25.84 6.78
N LEU D 152 27.30 26.21 8.05
CA LEU D 152 26.93 27.57 8.40
C LEU D 152 28.12 28.51 8.25
N ARG D 153 29.29 28.05 8.70
CA ARG D 153 30.51 28.84 8.67
C ARG D 153 30.85 29.21 7.22
N ALA D 154 30.49 28.32 6.27
CA ALA D 154 30.77 28.53 4.87
C ALA D 154 29.89 29.63 4.24
N LEU D 155 28.78 29.99 4.91
CA LEU D 155 27.83 30.91 4.33
C LEU D 155 28.26 32.35 4.62
N PRO D 156 28.01 33.28 3.67
CA PRO D 156 28.28 34.70 3.85
C PRO D 156 27.40 35.38 4.89
N ASP D 157 27.90 36.46 5.49
CA ASP D 157 27.09 37.24 6.40
C ASP D 157 25.77 37.59 5.73
N GLY D 158 24.67 37.43 6.50
CA GLY D 158 23.34 37.83 6.07
C GLY D 158 22.72 36.91 5.01
N ALA D 159 23.33 35.75 4.77
CA ALA D 159 22.89 34.89 3.68
C ALA D 159 21.47 34.35 3.91
N LEU D 160 21.00 34.25 5.16
CA LEU D 160 19.68 33.68 5.40
C LEU D 160 18.61 34.77 5.48
N LYS D 161 19.02 36.03 5.46
CA LYS D 161 18.09 37.14 5.64
C LYS D 161 17.11 37.19 4.47
N ASP D 162 15.85 37.43 4.80
CA ASP D 162 14.81 37.61 3.80
C ASP D 162 14.60 36.39 2.88
N LEU D 163 15.00 35.16 3.28
CA LEU D 163 14.48 33.97 2.61
C LEU D 163 12.96 33.95 2.68
N ALA D 164 12.45 34.47 3.81
CA ALA D 164 11.03 34.72 4.01
C ALA D 164 10.93 35.76 5.11
N PRO D 165 9.74 36.33 5.40
CA PRO D 165 9.63 37.31 6.48
C PRO D 165 10.11 36.80 7.83
N ARG D 166 10.02 35.47 8.07
CA ARG D 166 10.61 34.87 9.26
C ARG D 166 11.53 33.74 8.84
N VAL D 167 12.74 33.73 9.40
CA VAL D 167 13.70 32.68 9.12
C VAL D 167 14.26 32.18 10.45
N PHE D 168 14.16 30.87 10.67
CA PHE D 168 14.55 30.25 11.92
C PHE D 168 15.69 29.29 11.67
N LEU D 169 16.62 29.25 12.61
CA LEU D 169 17.76 28.37 12.50
C LEU D 169 17.96 27.72 13.86
N GLY D 170 18.19 26.40 13.85
CA GLY D 170 18.44 25.66 15.07
C GLY D 170 19.16 24.37 14.75
N GLY D 171 19.40 23.58 15.79
CA GLY D 171 20.16 22.35 15.69
C GLY D 171 21.50 22.47 16.41
N GLN D 172 22.18 21.33 16.51
CA GLN D 172 23.44 21.20 17.25
C GLN D 172 24.53 22.06 16.61
N GLY D 173 24.49 22.22 15.28
CA GLY D 173 25.48 23.00 14.58
C GLY D 173 25.28 24.52 14.70
N ALA D 174 24.15 24.94 15.27
CA ALA D 174 23.79 26.34 15.29
C ALA D 174 23.92 26.91 16.70
N GLY D 175 24.29 28.19 16.77
CA GLY D 175 24.30 28.95 18.00
C GLY D 175 23.75 30.35 17.73
N PRO D 176 23.43 31.13 18.78
CA PRO D 176 22.84 32.45 18.57
C PRO D 176 23.71 33.45 17.82
N GLU D 177 25.04 33.36 17.98
CA GLU D 177 25.96 34.29 17.33
C GLU D 177 25.95 34.06 15.82
N GLU D 178 25.99 32.79 15.42
CA GLU D 178 26.02 32.43 14.01
C GLU D 178 24.68 32.76 13.36
N ALA D 179 23.57 32.52 14.08
CA ALA D 179 22.25 32.92 13.59
C ALA D 179 22.22 34.43 13.32
N ARG D 180 22.71 35.22 14.28
CA ARG D 180 22.77 36.67 14.15
C ARG D 180 23.60 37.06 12.92
N ARG D 181 24.78 36.45 12.76
CA ARG D 181 25.65 36.76 11.64
C ARG D 181 24.91 36.51 10.33
N LEU D 182 24.10 35.44 10.27
CA LEU D 182 23.49 34.99 9.03
C LEU D 182 22.12 35.66 8.80
N GLY D 183 21.60 36.35 9.82
CA GLY D 183 20.32 37.04 9.69
C GLY D 183 19.12 36.15 9.95
N ALA D 184 19.28 35.12 10.76
CA ALA D 184 18.19 34.22 11.14
C ALA D 184 17.87 34.40 12.61
N GLU D 185 16.66 34.02 13.01
CA GLU D 185 16.29 33.92 14.41
C GLU D 185 16.72 32.55 14.92
N TYR D 186 17.42 32.54 16.05
CA TYR D 186 17.92 31.31 16.62
C TYR D 186 16.83 30.67 17.48
N MET D 187 16.64 29.36 17.35
CA MET D 187 15.65 28.63 18.12
C MET D 187 16.33 27.42 18.76
N GLU D 188 16.12 27.27 20.06
CA GLU D 188 16.70 26.17 20.84
C GLU D 188 15.78 24.96 20.80
N ASP D 189 14.47 25.18 20.94
CA ASP D 189 13.51 24.11 21.17
C ASP D 189 12.54 23.95 20.02
N LEU D 190 12.31 22.71 19.58
CA LEU D 190 11.34 22.40 18.54
C LEU D 190 9.94 22.85 18.91
N LYS D 191 9.60 22.78 20.21
CA LYS D 191 8.25 23.11 20.65
C LYS D 191 8.06 24.63 20.68
N GLY D 192 9.18 25.37 20.78
CA GLY D 192 9.14 26.83 20.75
C GLY D 192 8.94 27.39 19.35
N LEU D 193 9.03 26.54 18.32
CA LEU D 193 8.99 26.97 16.93
C LEU D 193 7.61 27.52 16.59
N ALA D 194 6.58 26.74 16.94
CA ALA D 194 5.21 27.11 16.64
C ALA D 194 4.83 28.36 17.44
N GLU D 195 5.29 28.42 18.70
CA GLU D 195 5.07 29.60 19.54
C GLU D 195 5.64 30.84 18.84
N ALA D 196 6.88 30.76 18.38
CA ALA D 196 7.57 31.89 17.77
C ALA D 196 6.77 32.41 16.58
N LEU D 197 6.12 31.51 15.82
CA LEU D 197 5.33 31.93 14.67
C LEU D 197 4.00 32.57 15.09
N TRP D 198 3.32 31.97 16.08
CA TRP D 198 2.27 32.61 16.89
C TRP D 198 0.95 31.87 16.72
CO B12 E . -21.18 -13.99 10.18
N21 B12 E . -21.02 -14.67 11.89
N22 B12 E . -22.34 -15.42 9.69
N23 B12 E . -21.12 -13.24 8.47
N24 B12 E . -20.23 -12.54 11.04
C1 B12 E . -19.92 -14.28 12.76
C20 B12 E . -18.72 -15.17 12.61
C2 B12 E . -20.49 -14.38 14.20
C25 B12 E . -19.43 -14.64 15.30
C26 B12 E . -21.29 -13.14 14.63
C27 B12 E . -21.87 -13.26 16.04
O28 B12 E . -22.78 -14.08 16.23
N29 B12 E . -21.38 -12.48 17.02
C3 B12 E . -21.49 -15.54 13.98
C30 B12 E . -21.02 -16.98 14.34
C31 B12 E . -21.22 -17.25 15.83
C32 B12 E . -21.15 -18.70 16.18
O34 B12 E . -20.35 -19.50 15.73
N33 B12 E . -22.07 -19.04 17.07
C4 B12 E . -21.85 -15.39 12.52
C5 B12 E . -23.08 -15.95 11.94
C35 B12 E . -24.07 -16.55 12.92
C6 B12 E . -23.28 -15.92 10.62
C7 B12 E . -24.48 -16.54 9.93
C36 B12 E . -24.75 -17.96 10.47
C37 B12 E . -25.70 -15.66 10.11
C38 B12 E . -26.75 -16.15 9.14
O39 B12 E . -26.93 -15.57 8.12
N40 B12 E . -27.42 -17.26 9.40
C8 B12 E . -23.99 -16.55 8.48
C41 B12 E . -23.17 -17.77 8.05
C42 B12 E . -22.76 -17.74 6.59
C43 B12 E . -21.71 -18.82 6.33
O44 B12 E . -20.53 -18.73 6.67
N45 B12 E . -22.14 -19.90 5.70
C9 B12 E . -23.06 -15.42 8.51
C10 B12 E . -22.87 -14.52 7.39
C11 B12 E . -21.89 -13.59 7.41
C12 B12 E . -21.57 -12.83 6.16
C46 B12 E . -22.73 -11.90 5.82
C47 B12 E . -21.43 -13.72 4.92
C13 B12 E . -20.32 -12.06 6.61
C48 B12 E . -19.02 -12.48 5.93
C49 B12 E . -18.81 -11.79 4.60
C50 B12 E . -17.50 -12.21 3.99
O51 B12 E . -16.53 -12.54 4.67
N52 B12 E . -17.45 -12.13 2.65
C14 B12 E . -20.31 -12.31 8.11
C15 B12 E . -19.47 -11.50 9.02
C53 B12 E . -18.81 -10.28 8.42
C16 B12 E . -19.33 -11.73 10.32
C17 B12 E . -18.42 -11.01 11.31
C54 B12 E . -19.12 -9.69 11.68
C55 B12 E . -16.98 -10.68 10.84
C56 B12 E . -16.35 -11.82 10.03
C57 B12 E . -14.86 -11.50 9.91
O58 B12 E . -14.35 -11.27 8.82
N59 B12 E . -14.24 -11.49 11.08
C18 B12 E . -18.33 -12.04 12.46
C60 B12 E . -18.04 -11.50 13.88
C61 B12 E . -16.78 -12.11 14.54
O63 B12 E . -16.51 -12.00 15.76
N62 B12 E . -15.98 -12.80 13.77
C19 B12 E . -19.53 -12.92 12.16
C1P B12 E . -12.80 -11.52 11.16
C2P B12 E . -12.50 -12.97 11.52
C3P B12 E . -12.14 -13.91 10.37
O3 B12 E . -11.41 -12.90 12.37
O4 B12 E . -12.16 -15.16 13.25
O5 B12 E . -11.18 -13.31 14.84
P B12 E . -11.20 -13.99 13.48
O2 B12 E . -9.75 -14.42 12.93
C3R B12 E . -8.65 -14.46 13.79
C2R B12 E . -8.23 -15.89 13.96
O7R B12 E . -9.34 -16.75 13.81
C1R B12 E . -7.12 -16.09 12.93
O6R B12 E . -6.88 -14.80 12.34
C4R B12 E . -7.50 -13.78 13.10
C5R B12 E . -6.46 -13.33 14.09
O8R B12 E . -6.51 -11.92 14.10
N1B B12 E . -7.43 -16.93 11.74
C8B B12 E . -6.59 -17.83 11.26
C2B B12 E . -8.51 -16.87 10.93
N3B B12 E . -8.40 -17.79 9.91
C9B B12 E . -7.22 -18.42 10.05
C4B B12 E . -6.57 -19.43 9.36
C5B B12 E . -5.31 -19.88 9.83
C5M B12 E . -4.61 -20.98 9.06
C6B B12 E . -4.71 -19.27 11.03
C6M B12 E . -3.38 -19.70 11.57
C7B B12 E . -5.36 -18.28 11.71
CO B12 F . -22.15 -19.00 -10.64
N21 B12 F . -23.28 -19.28 -12.07
N22 B12 F . -23.37 -19.90 -9.45
N23 B12 F . -20.95 -18.48 -9.28
N24 B12 F . -21.01 -18.39 -12.06
C1 B12 F . -23.16 -18.44 -13.27
C20 B12 F . -24.02 -17.17 -13.16
C2 B12 F . -23.65 -19.36 -14.41
C25 B12 F . -24.22 -18.56 -15.59
C26 B12 F . -22.60 -20.34 -14.93
C27 B12 F . -23.09 -21.24 -16.06
O28 B12 F . -23.62 -22.30 -15.86
N29 B12 F . -22.89 -20.83 -17.31
C3 B12 F . -24.69 -20.19 -13.61
C30 B12 F . -26.14 -19.69 -13.66
C31 B12 F . -26.84 -20.29 -14.85
C32 B12 F . -28.30 -20.18 -14.55
O34 B12 F . -28.94 -19.25 -14.97
N33 B12 F . -28.81 -21.15 -13.77
C4 B12 F . -24.17 -20.16 -12.20
C5 B12 F . -24.61 -21.08 -11.15
C35 B12 F . -25.55 -22.20 -11.61
C6 B12 F . -24.17 -20.98 -9.89
C7 B12 F . -24.47 -21.90 -8.72
C36 B12 F . -25.98 -22.27 -8.55
C37 B12 F . -23.51 -23.09 -8.93
C38 B12 F . -23.68 -24.11 -7.81
O39 B12 F . -23.21 -23.90 -6.69
N40 B12 F . -24.38 -25.22 -8.09
C8 B12 F . -24.05 -21.06 -7.50
C41 B12 F . -25.17 -20.16 -6.93
C42 B12 F . -24.68 -19.06 -5.95
C43 B12 F . -25.88 -18.21 -5.63
O44 B12 F . -26.72 -18.59 -4.81
N45 B12 F . -26.05 -17.10 -6.29
C9 B12 F . -23.00 -20.24 -8.13
C10 B12 F . -21.80 -19.83 -7.44
C11 B12 F . -20.92 -18.96 -8.00
C12 B12 F . -19.75 -18.44 -7.20
C46 B12 F . -18.72 -19.56 -7.12
C47 B12 F . -20.09 -18.02 -5.76
C13 B12 F . -19.33 -17.30 -8.11
C48 B12 F . -19.78 -15.87 -7.70
C49 B12 F . -18.65 -15.20 -6.93
C50 B12 F . -18.97 -13.82 -6.45
O51 B12 F . -18.64 -13.38 -5.35
N52 B12 F . -19.61 -13.08 -7.30
C14 B12 F . -19.97 -17.67 -9.40
C15 B12 F . -19.48 -17.09 -10.66
C53 B12 F . -18.27 -16.15 -10.57
C16 B12 F . -20.09 -17.34 -11.85
C17 B12 F . -19.82 -16.56 -13.11
C54 B12 F . -18.61 -17.19 -13.76
C55 B12 F . -19.64 -15.08 -12.70
C56 B12 F . -20.20 -14.13 -13.72
C57 B12 F . -20.10 -12.73 -13.29
O58 B12 F . -19.82 -12.43 -12.16
N59 B12 F . -20.47 -11.91 -14.26
C18 B12 F . -21.13 -16.79 -13.90
C60 B12 F . -21.04 -16.87 -15.43
C61 B12 F . -21.80 -15.71 -16.10
O63 B12 F . -22.20 -14.74 -15.48
N62 B12 F . -22.07 -15.79 -17.40
C19 B12 F . -21.77 -17.93 -13.15
C1P B12 F . -20.98 -10.59 -14.01
C2P B12 F . -22.46 -10.91 -14.21
C3P B12 F . -23.41 -9.87 -13.67
O3 B12 F . -22.50 -11.06 -15.61
O4 B12 F . -23.61 -11.00 -17.88
O5 B12 F . -25.00 -11.28 -15.60
P B12 F . -23.82 -10.73 -16.41
O2 B12 F . -23.87 -9.15 -16.32
C3R B12 F . -24.30 -8.41 -17.45
C2R B12 F . -25.77 -8.07 -17.31
O7R B12 F . -26.45 -8.96 -16.41
C1R B12 F . -25.75 -6.65 -16.75
O6R B12 F . -24.38 -6.18 -16.77
C4R B12 F . -23.48 -7.16 -17.28
C5R B12 F . -22.75 -6.76 -18.55
O8R B12 F . -23.73 -6.39 -19.52
N1B B12 F . -26.16 -6.53 -15.32
C8B B12 F . -26.91 -5.51 -14.89
C2B B12 F . -25.82 -7.33 -14.28
N3B B12 F . -26.36 -6.83 -13.13
C9B B12 F . -27.07 -5.70 -13.45
C4B B12 F . -27.83 -4.77 -12.76
C5B B12 F . -28.44 -3.70 -13.43
C5M B12 F . -29.26 -2.69 -12.70
C6B B12 F . -28.27 -3.54 -14.86
C6M B12 F . -28.88 -2.38 -15.59
C7B B12 F . -27.49 -4.44 -15.55
CO B12 G . 20.13 15.39 -10.08
N21 B12 G . 20.57 15.21 -11.87
N22 B12 G . 21.95 15.89 -9.65
N23 B12 G . 19.47 15.48 -8.31
N24 B12 G . 18.39 15.05 -10.81
C1 B12 G . 19.75 14.38 -12.76
C20 B12 G . 20.11 12.90 -12.63
C2 B12 G . 19.98 14.98 -14.17
C25 B12 G . 19.78 13.98 -15.30
C26 B12 G . 19.09 16.20 -14.51
C27 B12 G . 19.44 16.87 -15.85
O28 B12 G . 20.49 17.44 -16.01
N29 B12 G . 18.57 16.80 -16.85
C3 B12 G . 21.45 15.44 -13.99
C30 B12 G . 22.57 14.46 -14.45
C31 B12 G . 22.97 14.79 -15.88
C32 B12 G . 24.30 14.18 -16.22
O34 B12 G . 24.48 13.02 -16.15
N33 B12 G . 25.27 14.97 -16.60
C4 B12 G . 21.55 15.74 -12.51
C5 B12 G . 22.66 16.48 -11.89
C35 B12 G . 23.67 17.09 -12.87
C6 B12 G . 22.79 16.57 -10.54
C7 B12 G . 23.89 17.32 -9.78
C36 B12 G . 25.33 17.03 -10.25
C37 B12 G . 23.53 18.80 -10.02
C38 B12 G . 23.68 19.64 -8.81
O39 B12 G . 22.70 20.01 -8.18
N40 B12 G . 24.90 19.96 -8.49
C8 B12 G . 23.67 16.82 -8.32
C41 B12 G . 24.58 15.65 -7.88
C42 B12 G . 24.23 14.99 -6.54
C43 B12 G . 25.09 13.72 -6.44
O44 B12 G . 26.25 13.79 -6.06
N45 B12 G . 24.59 12.57 -6.83
C9 B12 G . 22.25 16.38 -8.37
C10 B12 G . 21.37 16.40 -7.21
C11 B12 G . 20.13 15.93 -7.23
C12 B12 G . 19.32 15.86 -5.97
C46 B12 G . 18.86 17.25 -5.61
C47 B12 G . 20.13 15.33 -4.79
C13 B12 G . 18.14 15.00 -6.40
C48 B12 G . 18.10 13.55 -5.83
C49 B12 G . 17.48 13.37 -4.43
C50 B12 G . 17.47 11.92 -3.91
O51 B12 G . 17.59 11.69 -2.71
N52 B12 G . 17.28 10.95 -4.78
C14 B12 G . 18.31 15.04 -7.91
C15 B12 G . 17.25 14.55 -8.76
C53 B12 G . 15.93 14.19 -8.10
C16 B12 G . 17.39 14.44 -10.09
C17 B12 G . 16.36 13.94 -11.09
C54 B12 G . 15.42 15.13 -11.33
C55 B12 G . 15.58 12.69 -10.65
C56 B12 G . 16.44 11.55 -10.15
C57 B12 G . 15.61 10.29 -10.17
O58 B12 G . 15.11 9.82 -9.17
N59 B12 G . 15.46 9.69 -11.34
C18 B12 G . 17.17 13.62 -12.34
C60 B12 G . 16.41 13.68 -13.67
C61 B12 G . 16.57 12.34 -14.33
O63 B12 G . 16.81 11.28 -13.76
N62 B12 G . 16.44 12.36 -15.63
C19 B12 G . 18.41 14.41 -12.07
C1P B12 G . 14.84 8.37 -11.44
C2P B12 G . 15.96 7.55 -12.08
C3P B12 G . 16.41 6.34 -11.31
O3 B12 G . 15.43 7.17 -13.30
O4 B12 G . 15.67 6.78 -15.75
O5 B12 G . 17.76 7.13 -14.12
P B12 G . 16.38 6.55 -14.43
O2 B12 G . 16.35 5.04 -13.95
C3R B12 G . 15.78 4.04 -14.76
C2R B12 G . 16.87 3.04 -15.06
O7R B12 G . 18.11 3.70 -14.80
C1R B12 G . 16.66 1.88 -14.10
O6R B12 G . 15.42 2.15 -13.45
C4R B12 G . 14.81 3.38 -13.86
C5R B12 G . 13.53 3.10 -14.60
O8R B12 G . 13.82 2.14 -15.60
N1B B12 G . 17.67 1.70 -12.99
C8B B12 G . 18.26 0.55 -12.69
C2B B12 G . 18.04 2.63 -12.11
N3B B12 G . 18.90 2.11 -11.20
C9B B12 G . 19.12 0.82 -11.51
C4B B12 G . 19.91 -0.21 -10.97
C5B B12 G . 19.87 -1.47 -11.54
C5M B12 G . 20.69 -2.58 -10.95
C6B B12 G . 18.99 -1.73 -12.74
C6M B12 G . 18.90 -3.08 -13.40
C7B B12 G . 18.25 -0.70 -13.26
CO B12 H . 26.62 11.92 10.44
N21 B12 H . 27.43 12.74 11.90
N22 B12 H . 27.94 12.75 9.30
N23 B12 H . 25.65 11.12 9.06
N24 B12 H . 25.65 11.05 11.85
C1 B12 H . 26.72 12.84 13.17
C20 B12 H . 25.83 14.09 13.24
C2 B12 H . 27.86 12.87 14.23
C25 B12 H . 27.49 13.68 15.48
C26 B12 H . 28.36 11.44 14.61
C27 B12 H . 29.34 11.31 15.77
O28 B12 H . 29.07 10.80 16.87
N29 B12 H . 30.57 11.71 15.54
C3 B12 H . 28.97 13.54 13.38
C30 B12 H . 29.16 15.06 13.46
C31 B12 H . 30.15 15.42 14.53
C32 B12 H . 30.53 16.88 14.51
O34 B12 H . 31.60 17.17 14.91
N33 B12 H . 29.76 17.85 14.08
C4 B12 H . 28.61 13.18 11.97
C5 B12 H . 29.61 13.27 10.92
C35 B12 H . 31.01 13.64 11.32
C6 B12 H . 29.27 13.02 9.65
C7 B12 H . 30.20 13.12 8.42
C36 B12 H . 31.10 14.37 8.32
C37 B12 H . 31.00 11.83 8.40
C38 B12 H . 31.95 11.79 7.23
O39 B12 H . 31.56 11.66 6.07
N40 B12 H . 33.23 11.86 7.52
C8 B12 H . 29.15 13.18 7.30
C41 B12 H . 28.71 14.62 6.95
C42 B12 H . 27.53 14.61 5.97
C43 B12 H . 27.03 15.98 5.72
O44 B12 H . 26.05 16.44 6.26
N45 B12 H . 27.74 16.64 4.80
C9 B12 H . 28.02 12.43 7.94
C10 B12 H . 27.09 11.58 7.21
C11 B12 H . 26.01 11.02 7.77
C12 B12 H . 25.05 10.15 6.94
C46 B12 H . 25.73 8.81 6.69
C47 B12 H . 24.70 10.71 5.55
C13 B12 H . 23.86 10.08 7.92
C48 B12 H . 22.67 11.06 7.68
C49 B12 H . 21.61 10.58 6.69
C50 B12 H . 20.38 11.49 6.63
O51 B12 H . 19.98 12.21 7.55
N52 B12 H . 19.75 11.40 5.47
C14 B12 H . 24.49 10.51 9.22
C15 B12 H . 23.79 10.26 10.49
C53 B12 H . 22.49 9.46 10.42
C16 B12 H . 24.30 10.63 11.69
C17 B12 H . 23.69 10.44 13.08
C54 B12 H . 23.98 9.02 13.58
C55 B12 H . 22.20 10.65 13.18
C56 B12 H . 21.75 11.97 12.56
C57 B12 H . 20.36 12.24 13.08
O58 B12 H . 19.40 11.91 12.40
N59 B12 H . 20.28 12.81 14.26
C18 B12 H . 24.42 11.51 13.92
C60 B12 H . 24.52 11.26 15.43
C61 B12 H . 23.88 12.41 16.21
O63 B12 H . 23.12 13.23 15.72
N62 B12 H . 24.21 12.48 17.49
C19 B12 H . 25.66 11.76 13.07
C1P B12 H . 19.01 13.12 14.88
C2P B12 H . 19.22 14.54 15.30
C3P B12 H . 18.11 15.46 14.89
O3 B12 H . 19.41 14.50 16.68
O4 B12 H . 20.94 16.31 15.99
O5 B12 H . 20.51 15.82 18.60
P B12 H . 20.05 15.89 17.17
O2 B12 H . 18.93 17.03 17.00
C3R B12 H . 18.20 17.55 18.09
C2R B12 H . 18.40 19.04 18.23
O7R B12 H . 19.51 19.49 17.47
C1R B12 H . 17.12 19.66 17.72
O6R B12 H . 16.12 18.65 17.70
C4R B12 H . 16.73 17.37 17.72
C5R B12 H . 16.04 16.52 18.77
O8R B12 H . 16.28 17.16 20.00
N1B B12 H . 17.10 20.22 16.34
C8B B12 H . 16.49 21.37 16.05
C2B B12 H . 17.55 19.68 15.19
N3B B12 H . 17.28 20.49 14.12
C9B B12 H . 16.63 21.56 14.59
C4B B12 H . 16.12 22.73 14.00
C5B B12 H . 15.48 23.65 14.79
C5M B12 H . 14.93 24.90 14.14
C6B B12 H . 15.33 23.43 16.25
C6M B12 H . 14.62 24.45 17.13
C7B B12 H . 15.85 22.30 16.86
#